data_8GRX
#
_entry.id   8GRX
#
_cell.length_a   1.00
_cell.length_b   1.00
_cell.length_c   1.00
_cell.angle_alpha   90.00
_cell.angle_beta   90.00
_cell.angle_gamma   90.00
#
_symmetry.space_group_name_H-M   'P 1'
#
loop_
_entity.id
_entity.type
_entity.pdbx_description
1 polymer 'Apolipoprotein E'
2 polymer 'Leukocyte immunoglobulin-like receptor subfamily A member 6'
#
loop_
_entity_poly.entity_id
_entity_poly.type
_entity_poly.pdbx_seq_one_letter_code
_entity_poly.pdbx_strand_id
1 'polypeptide(L)'
;GQRWELALGRFWDYLRWVQTLSEQVQEELLSSQVTQELRALMDETMKELKAYKSELEEQLTPVAEETRARLSKELQAAQA
RLGADMEDVRGRLVQYRGEVQAMLGQSTEELRVRLASHLRKLRKRLLRDADDLQKRLAVY
;
A,C
2 'polypeptide(L)'
;PFPKPTLWAEPGSVISWGSPVTIWCQGSLEAQEYRLDKEGSPEPLDRNNPLEPKNKARFSIPSMTEHHAGRYRCHYYSSA
GWSEPSDPLELVMTGFYNKPTLSALPSPVVASGGNMTLRCGSQKGYHHFVLMKEGEHQLPRTLDSQQLHSGGFQALFPVG
PVNPSHRWRFTCYYYYMNTPQVWSHPSDPLEILPSGVSRKPSLLTLQGPVLAPGQSLTLQCGSDVGYDRFVLYKEGERDF
LQRPGQQPQAGLSQANFTLGPVSRSHGGQYRCYGAHNLSSEWSAPSDPLNILMAGQIYDTVSLSAQPGPTVASGENVTLL
CQSWWQFDTFLLTKEGAAHPPLRLRSMYGAHKYQAEFPMSPVTSAHAGTYRCYGSYSSNPHLLSFPSEPLELMVSG
;
B,D
#
# COMPACT_ATOMS: atom_id res chain seq x y z
N GLY A 1 16.01 -8.21 -34.93
CA GLY A 1 15.75 -9.12 -33.82
C GLY A 1 14.33 -9.01 -33.34
N GLN A 2 13.50 -8.27 -34.08
CA GLN A 2 12.12 -8.05 -33.67
C GLN A 2 11.40 -9.31 -33.22
N ARG A 3 11.48 -10.42 -33.96
CA ARG A 3 10.71 -11.61 -33.58
C ARG A 3 11.07 -12.22 -32.22
N TRP A 4 12.36 -12.49 -32.02
CA TRP A 4 12.79 -13.07 -30.76
C TRP A 4 12.52 -12.08 -29.65
N GLU A 5 12.73 -10.79 -29.91
CA GLU A 5 12.46 -9.75 -28.91
C GLU A 5 10.99 -9.70 -28.56
N LEU A 6 10.11 -9.85 -29.53
CA LEU A 6 8.67 -9.91 -29.26
C LEU A 6 8.32 -11.11 -28.39
N ALA A 7 8.86 -12.29 -28.67
CA ALA A 7 8.60 -13.44 -27.80
C ALA A 7 9.10 -13.18 -26.39
N LEU A 8 10.28 -12.58 -26.30
CA LEU A 8 10.83 -12.26 -25.00
C LEU A 8 9.88 -11.34 -24.29
N GLY A 9 9.29 -10.40 -25.00
CA GLY A 9 8.35 -9.46 -24.40
C GLY A 9 7.15 -10.15 -23.80
N ARG A 10 6.59 -11.12 -24.52
CA ARG A 10 5.46 -11.88 -23.99
C ARG A 10 5.84 -12.59 -22.71
N PHE A 11 6.98 -13.28 -22.71
CA PHE A 11 7.46 -13.94 -21.51
C PHE A 11 7.50 -12.96 -20.36
N TRP A 12 8.15 -11.82 -20.58
CA TRP A 12 8.29 -10.80 -19.53
C TRP A 12 6.96 -10.34 -18.94
N ASP A 13 5.97 -10.09 -19.78
CA ASP A 13 4.68 -9.62 -19.30
C ASP A 13 3.93 -10.68 -18.50
N TYR A 14 4.02 -11.94 -18.93
CA TYR A 14 3.40 -13.01 -18.16
C TYR A 14 4.11 -13.12 -16.82
N LEU A 15 5.41 -12.92 -16.82
CA LEU A 15 6.16 -12.96 -15.58
C LEU A 15 5.73 -11.83 -14.64
N ARG A 16 5.46 -10.63 -15.16
CA ARG A 16 4.94 -9.54 -14.32
C ARG A 16 3.56 -9.88 -13.77
N TRP A 17 2.73 -10.51 -14.59
CA TRP A 17 1.42 -10.93 -14.11
C TRP A 17 1.61 -11.85 -12.91
N VAL A 18 2.51 -12.82 -13.03
CA VAL A 18 2.79 -13.73 -11.91
C VAL A 18 3.37 -12.96 -10.73
N GLN A 19 4.23 -11.99 -10.99
CA GLN A 19 4.84 -11.20 -9.92
C GLN A 19 3.80 -10.53 -9.01
N THR A 20 2.66 -10.13 -9.57
CA THR A 20 1.61 -9.54 -8.75
C THR A 20 1.12 -10.49 -7.66
N LEU A 21 1.14 -11.79 -7.94
CA LEU A 21 0.70 -12.81 -6.97
C LEU A 21 -0.71 -12.57 -6.46
N SER A 22 -1.63 -12.23 -7.36
CA SER A 22 -3.02 -12.05 -6.97
C SER A 22 -3.69 -13.41 -6.82
N GLU A 23 -4.91 -13.43 -6.31
CA GLU A 23 -5.58 -14.72 -6.05
C GLU A 23 -5.69 -15.62 -7.28
N GLN A 24 -5.88 -15.06 -8.46
CA GLN A 24 -5.92 -15.87 -9.68
C GLN A 24 -4.57 -16.52 -9.91
N VAL A 25 -3.50 -15.74 -9.83
CA VAL A 25 -2.17 -16.29 -10.01
C VAL A 25 -1.91 -17.36 -8.96
N GLN A 26 -2.25 -17.08 -7.71
CA GLN A 26 -2.01 -18.01 -6.62
C GLN A 26 -2.63 -19.37 -6.89
N GLU A 27 -3.85 -19.39 -7.41
CA GLU A 27 -4.53 -20.65 -7.69
C GLU A 27 -3.94 -21.35 -8.91
N GLU A 28 -3.51 -20.59 -9.90
CA GLU A 28 -2.89 -21.18 -11.08
C GLU A 28 -1.50 -21.72 -10.78
N LEU A 29 -0.85 -21.16 -9.76
CA LEU A 29 0.51 -21.57 -9.41
C LEU A 29 0.55 -22.94 -8.75
N LEU A 30 -0.61 -23.45 -8.36
CA LEU A 30 -0.68 -24.76 -7.74
C LEU A 30 -1.21 -25.80 -8.71
N SER A 31 -1.40 -25.41 -9.96
CA SER A 31 -1.97 -26.33 -10.95
C SER A 31 -1.10 -26.50 -12.20
N SER A 32 0.15 -26.02 -12.17
CA SER A 32 1.11 -26.15 -13.31
C SER A 32 0.84 -25.31 -14.56
N GLN A 33 -0.35 -24.73 -14.68
CA GLN A 33 -0.70 -23.94 -15.86
C GLN A 33 0.32 -22.84 -16.11
N VAL A 34 0.60 -22.04 -15.09
CA VAL A 34 1.57 -20.94 -15.23
C VAL A 34 2.91 -21.44 -15.71
N THR A 35 3.43 -22.49 -15.06
CA THR A 35 4.76 -22.97 -15.42
C THR A 35 4.81 -23.43 -16.87
N GLN A 36 3.81 -24.19 -17.31
CA GLN A 36 3.77 -24.66 -18.70
C GLN A 36 3.65 -23.51 -19.69
N GLU A 37 2.88 -22.49 -19.37
CA GLU A 37 2.77 -21.34 -20.24
C GLU A 37 4.12 -20.66 -20.38
N LEU A 38 4.83 -20.51 -19.27
CA LEU A 38 6.15 -19.89 -19.32
C LEU A 38 7.08 -20.74 -20.15
N ARG A 39 7.00 -22.05 -20.00
CA ARG A 39 7.84 -22.93 -20.79
C ARG A 39 7.56 -22.76 -22.28
N ALA A 40 6.30 -22.67 -22.67
CA ALA A 40 5.96 -22.42 -24.06
C ALA A 40 6.56 -21.12 -24.53
N LEU A 41 6.37 -20.05 -23.75
CA LEU A 41 6.86 -18.74 -24.15
C LEU A 41 8.39 -18.69 -24.29
N MET A 42 9.12 -19.42 -23.44
CA MET A 42 10.59 -19.46 -23.53
C MET A 42 11.10 -20.36 -24.66
N ASP A 43 10.34 -21.39 -25.01
CA ASP A 43 10.75 -22.22 -26.13
C ASP A 43 10.68 -21.40 -27.40
N GLU A 44 9.61 -20.63 -27.55
CA GLU A 44 9.46 -19.77 -28.72
C GLU A 44 10.60 -18.79 -28.80
N THR A 45 10.95 -18.16 -27.68
CA THR A 45 12.03 -17.18 -27.65
C THR A 45 13.33 -17.81 -28.12
N MET A 46 13.61 -19.01 -27.64
CA MET A 46 14.86 -19.66 -27.99
C MET A 46 14.90 -20.10 -29.45
N LYS A 47 13.82 -20.66 -29.95
CA LYS A 47 13.75 -21.03 -31.36
C LYS A 47 13.97 -19.81 -32.24
N GLU A 48 13.22 -18.74 -31.97
CA GLU A 48 13.35 -17.54 -32.78
C GLU A 48 14.74 -16.94 -32.69
N LEU A 49 15.35 -16.97 -31.51
CA LEU A 49 16.70 -16.45 -31.35
C LEU A 49 17.67 -17.20 -32.25
N LYS A 50 17.59 -18.51 -32.24
CA LYS A 50 18.46 -19.33 -33.08
C LYS A 50 18.20 -19.04 -34.55
N ALA A 51 16.94 -18.88 -34.93
CA ALA A 51 16.63 -18.54 -36.32
C ALA A 51 17.28 -17.22 -36.73
N TYR A 52 17.19 -16.21 -35.87
CA TYR A 52 17.79 -14.91 -36.15
C TYR A 52 19.30 -15.02 -36.25
N LYS A 53 19.90 -15.82 -35.38
CA LYS A 53 21.34 -16.01 -35.45
C LYS A 53 21.70 -16.62 -36.79
N SER A 54 20.96 -17.63 -37.22
CA SER A 54 21.26 -18.30 -38.47
C SER A 54 21.14 -17.35 -39.66
N GLU A 55 20.10 -16.51 -39.68
CA GLU A 55 19.92 -15.61 -40.82
C GLU A 55 20.95 -14.51 -40.83
N LEU A 56 21.41 -14.08 -39.65
CA LEU A 56 22.43 -13.05 -39.55
C LEU A 56 23.75 -13.63 -40.04
N GLU A 57 23.98 -14.89 -39.73
CA GLU A 57 25.21 -15.56 -40.16
C GLU A 57 25.28 -15.61 -41.68
N GLU A 58 24.14 -15.57 -42.36
CA GLU A 58 24.25 -15.53 -43.82
C GLU A 58 24.72 -14.16 -44.29
N GLN A 59 24.22 -13.11 -43.65
CA GLN A 59 24.59 -11.75 -44.03
C GLN A 59 26.07 -11.43 -43.82
N LEU A 60 26.72 -12.13 -42.90
CA LEU A 60 28.12 -11.85 -42.60
C LEU A 60 29.01 -11.95 -43.83
N THR A 61 29.89 -10.97 -44.01
CA THR A 61 30.78 -10.96 -45.16
C THR A 61 32.20 -10.61 -44.74
N ALA A 64 38.85 -11.37 -38.45
CA ALA A 64 39.15 -12.50 -39.32
C ALA A 64 38.42 -13.76 -38.86
N GLU A 65 39.00 -14.91 -39.19
CA GLU A 65 38.37 -16.17 -38.84
C GLU A 65 38.34 -16.34 -37.34
N GLU A 66 39.48 -16.11 -36.69
CA GLU A 66 39.54 -16.23 -35.24
C GLU A 66 38.61 -15.22 -34.57
N THR A 67 38.55 -14.00 -35.09
CA THR A 67 37.67 -12.97 -34.54
C THR A 67 36.22 -13.42 -34.69
N ARG A 68 35.88 -13.94 -35.86
CA ARG A 68 34.51 -14.41 -36.10
C ARG A 68 34.17 -15.57 -35.17
N ALA A 69 35.11 -16.50 -35.01
CA ALA A 69 34.87 -17.63 -34.12
C ALA A 69 34.62 -17.13 -32.70
N ARG A 70 35.45 -16.19 -32.24
CA ARG A 70 35.27 -15.63 -30.90
C ARG A 70 33.88 -15.01 -30.75
N LEU A 71 33.46 -14.22 -31.74
CA LEU A 71 32.15 -13.59 -31.69
C LEU A 71 31.02 -14.62 -31.62
N SER A 72 31.13 -15.68 -32.43
CA SER A 72 30.11 -16.72 -32.42
C SER A 72 30.06 -17.38 -31.05
N LYS A 73 31.23 -17.64 -30.47
CA LYS A 73 31.29 -18.22 -29.12
C LYS A 73 30.58 -17.32 -28.12
N GLU A 74 30.85 -16.02 -28.18
CA GLU A 74 30.21 -15.08 -27.27
C GLU A 74 28.69 -15.10 -27.44
N LEU A 75 28.23 -15.13 -28.69
CA LEU A 75 26.80 -15.16 -28.95
C LEU A 75 26.20 -16.40 -28.32
N GLN A 76 26.84 -17.55 -28.53
CA GLN A 76 26.33 -18.79 -27.96
C GLN A 76 26.26 -18.69 -26.45
N ALA A 77 27.29 -18.14 -25.83
CA ALA A 77 27.32 -17.99 -24.38
C ALA A 77 26.15 -17.13 -23.90
N ALA A 78 25.91 -15.99 -24.54
CA ALA A 78 24.78 -15.15 -24.16
C ALA A 78 23.44 -15.88 -24.32
N GLN A 79 23.23 -16.60 -25.41
CA GLN A 79 21.99 -17.35 -25.60
C GLN A 79 21.76 -18.31 -24.44
N ALA A 80 22.81 -19.07 -24.14
CA ALA A 80 22.72 -20.01 -23.05
C ALA A 80 22.32 -19.33 -21.75
N ARG A 81 22.89 -18.17 -21.47
CA ARG A 81 22.55 -17.44 -20.24
C ARG A 81 21.07 -17.12 -20.16
N LEU A 82 20.50 -16.58 -21.21
CA LEU A 82 19.07 -16.28 -21.24
C LEU A 82 18.25 -17.54 -21.00
N GLY A 83 18.63 -18.62 -21.70
CA GLY A 83 17.93 -19.87 -21.49
C GLY A 83 17.95 -20.27 -20.03
N ALA A 84 19.13 -20.26 -19.41
CA ALA A 84 19.27 -20.64 -18.02
C ALA A 84 18.45 -19.77 -17.11
N ASP A 85 18.37 -18.48 -17.37
CA ASP A 85 17.59 -17.57 -16.51
C ASP A 85 16.09 -17.87 -16.49
N MET A 86 15.52 -18.11 -17.67
CA MET A 86 14.11 -18.44 -17.76
C MET A 86 13.85 -19.81 -17.11
N GLU A 87 14.78 -20.75 -17.31
CA GLU A 87 14.66 -22.05 -16.65
C GLU A 87 14.64 -21.84 -15.17
N ASP A 88 15.50 -20.97 -14.65
CA ASP A 88 15.55 -20.67 -13.23
C ASP A 88 14.22 -20.14 -12.74
N VAL A 89 13.66 -19.16 -13.46
CA VAL A 89 12.33 -18.66 -13.10
C VAL A 89 11.32 -19.80 -12.98
N ARG A 90 11.27 -20.64 -14.01
CA ARG A 90 10.29 -21.72 -13.98
C ARG A 90 10.51 -22.72 -12.85
N GLY A 91 11.77 -23.03 -12.52
CA GLY A 91 12.08 -23.92 -11.42
C GLY A 91 11.69 -23.33 -10.09
N ARG A 92 11.89 -22.03 -9.93
CA ARG A 92 11.47 -21.35 -8.72
C ARG A 92 9.96 -21.42 -8.60
N LEU A 93 9.24 -21.31 -9.71
CA LEU A 93 7.78 -21.47 -9.64
C LEU A 93 7.32 -22.91 -9.29
N VAL A 94 8.00 -23.94 -9.78
CA VAL A 94 7.70 -25.34 -9.42
C VAL A 94 8.01 -25.59 -7.93
N GLN A 95 9.09 -24.99 -7.44
CA GLN A 95 9.46 -25.12 -6.02
C GLN A 95 8.42 -24.50 -5.13
N TYR A 96 7.87 -23.36 -5.51
CA TYR A 96 6.77 -22.76 -4.75
C TYR A 96 5.60 -23.71 -4.69
N ARG A 97 5.19 -24.31 -5.80
CA ARG A 97 4.13 -25.30 -5.75
C ARG A 97 4.46 -26.37 -4.71
N GLY A 98 5.65 -26.96 -4.78
CA GLY A 98 6.06 -27.99 -3.84
C GLY A 98 6.03 -27.56 -2.40
N GLU A 99 6.52 -26.36 -2.11
CA GLU A 99 6.47 -25.83 -0.75
C GLU A 99 5.05 -25.73 -0.23
N VAL A 100 4.14 -25.18 -1.03
CA VAL A 100 2.73 -25.07 -0.63
C VAL A 100 2.14 -26.45 -0.39
N GLN A 101 2.52 -27.43 -1.20
CA GLN A 101 2.05 -28.79 -0.98
C GLN A 101 2.63 -29.43 0.30
N ALA A 102 3.91 -29.19 0.55
CA ALA A 102 4.54 -29.71 1.77
C ALA A 102 3.95 -28.97 2.95
N MET A 103 3.34 -27.82 2.70
CA MET A 103 2.69 -27.08 3.77
C MET A 103 1.24 -27.51 3.83
N LEU A 104 0.96 -28.68 3.27
CA LEU A 104 -0.40 -29.22 3.30
C LEU A 104 -1.38 -28.26 2.62
N GLY A 105 -0.96 -27.63 1.54
CA GLY A 105 -1.86 -26.78 0.80
C GLY A 105 -2.00 -25.36 1.32
N GLN A 106 -1.16 -24.98 2.28
CA GLN A 106 -1.27 -23.65 2.87
C GLN A 106 -0.17 -22.71 2.44
N SER A 107 -0.54 -21.58 1.85
CA SER A 107 0.45 -20.61 1.43
C SER A 107 0.44 -19.42 2.36
N THR A 108 1.50 -19.26 3.13
CA THR A 108 1.61 -18.14 4.06
C THR A 108 2.02 -16.89 3.30
N GLU A 109 1.78 -15.73 3.91
CA GLU A 109 2.18 -14.47 3.31
C GLU A 109 3.69 -14.43 3.25
N GLU A 110 4.36 -14.95 4.25
CA GLU A 110 5.82 -15.00 4.27
C GLU A 110 6.35 -15.76 3.07
N LEU A 111 5.81 -16.93 2.82
CA LEU A 111 6.21 -17.71 1.67
C LEU A 111 6.09 -16.87 0.40
N ARG A 112 4.94 -16.25 0.20
CA ARG A 112 4.72 -15.44 -1.00
C ARG A 112 5.63 -14.23 -1.07
N VAL A 113 5.92 -13.59 0.04
CA VAL A 113 6.87 -12.47 0.05
C VAL A 113 8.23 -12.94 -0.44
N ARG A 114 8.68 -14.08 0.06
CA ARG A 114 9.95 -14.65 -0.37
C ARG A 114 9.93 -14.97 -1.85
N LEU A 115 8.83 -15.55 -2.33
CA LEU A 115 8.70 -15.85 -3.75
C LEU A 115 8.87 -14.59 -4.56
N ALA A 116 8.18 -13.52 -4.18
CA ALA A 116 8.25 -12.26 -4.90
C ALA A 116 9.66 -11.71 -4.91
N SER A 117 10.32 -11.74 -3.76
CA SER A 117 11.70 -11.28 -3.68
C SER A 117 12.59 -12.02 -4.65
N HIS A 118 12.48 -13.35 -4.67
CA HIS A 118 13.30 -14.16 -5.55
C HIS A 118 13.00 -13.92 -7.02
N LEU A 119 11.72 -13.70 -7.34
CA LEU A 119 11.31 -13.45 -8.72
C LEU A 119 11.87 -12.14 -9.23
N ARG A 120 11.84 -11.11 -8.41
CA ARG A 120 12.47 -9.84 -8.79
C ARG A 120 13.96 -10.00 -9.04
N LYS A 121 14.63 -10.81 -8.22
CA LYS A 121 16.06 -11.06 -8.44
C LYS A 121 16.35 -11.84 -9.73
N LEU A 122 15.46 -12.75 -10.12
CA LEU A 122 15.63 -13.50 -11.36
C LEU A 122 15.27 -12.66 -12.57
N ARG A 123 14.35 -11.72 -12.39
CA ARG A 123 13.98 -10.79 -13.46
C ARG A 123 15.11 -9.81 -13.80
N LYS A 124 15.82 -9.28 -12.82
CA LYS A 124 16.97 -8.41 -13.09
C LYS A 124 18.04 -9.11 -13.91
N ARG A 125 18.39 -10.33 -13.53
CA ARG A 125 19.38 -11.10 -14.26
C ARG A 125 18.93 -11.27 -15.69
N LEU A 126 17.68 -11.65 -15.88
CA LEU A 126 17.15 -11.85 -17.22
C LEU A 126 17.33 -10.58 -18.04
N LEU A 127 16.95 -9.43 -17.48
CA LEU A 127 17.12 -8.16 -18.19
C LEU A 127 18.56 -7.90 -18.63
N ARG A 128 19.50 -8.01 -17.71
CA ARG A 128 20.91 -7.79 -18.02
C ARG A 128 21.39 -8.69 -19.14
N ASP A 129 21.10 -9.97 -19.01
CA ASP A 129 21.54 -10.93 -20.01
C ASP A 129 20.91 -10.62 -21.35
N ALA A 130 19.63 -10.26 -21.37
CA ALA A 130 18.96 -9.90 -22.61
C ALA A 130 19.65 -8.72 -23.27
N ASP A 131 19.96 -7.70 -22.49
CA ASP A 131 20.67 -6.54 -23.03
C ASP A 131 22.01 -6.95 -23.63
N ASP A 132 22.75 -7.78 -22.91
CA ASP A 132 24.05 -8.19 -23.41
C ASP A 132 23.88 -8.93 -24.73
N LEU A 133 22.89 -9.82 -24.80
CA LEU A 133 22.65 -10.58 -26.02
C LEU A 133 22.32 -9.65 -27.18
N GLN A 134 21.47 -8.67 -26.95
CA GLN A 134 21.16 -7.71 -27.99
C GLN A 134 22.42 -6.99 -28.48
N LYS A 135 23.25 -6.52 -27.55
CA LYS A 135 24.50 -5.86 -27.94
C LYS A 135 25.42 -6.78 -28.75
N ARG A 136 25.51 -8.04 -28.36
CA ARG A 136 26.34 -8.99 -29.10
C ARG A 136 25.79 -9.22 -30.50
N LEU A 137 24.47 -9.33 -30.64
CA LEU A 137 23.88 -9.49 -31.95
C LEU A 137 24.20 -8.27 -32.79
N ALA A 138 24.16 -7.09 -32.16
CA ALA A 138 24.52 -5.87 -32.87
C ALA A 138 25.95 -5.92 -33.39
N VAL A 139 26.90 -6.30 -32.53
CA VAL A 139 28.31 -6.31 -32.98
C VAL A 139 28.57 -7.44 -33.97
N TYR A 140 27.67 -8.43 -34.02
CA TYR A 140 27.83 -9.55 -34.94
C TYR A 140 27.37 -9.16 -36.34
N PRO B 1 48.87 -56.63 -10.11
CA PRO B 1 48.92 -55.27 -9.56
C PRO B 1 48.98 -55.28 -8.03
N PHE B 2 49.71 -54.32 -7.46
CA PHE B 2 49.74 -54.19 -6.02
C PHE B 2 48.38 -53.69 -5.52
N PRO B 3 48.03 -53.93 -4.26
CA PRO B 3 46.77 -53.39 -3.74
C PRO B 3 46.74 -51.87 -3.84
N LYS B 4 45.68 -51.35 -4.46
CA LYS B 4 45.57 -49.92 -4.67
C LYS B 4 45.57 -49.22 -3.31
N PRO B 5 46.32 -48.10 -3.16
CA PRO B 5 46.30 -47.51 -1.81
C PRO B 5 44.95 -47.00 -1.31
N THR B 6 44.84 -46.73 -0.01
CA THR B 6 43.60 -46.19 0.54
C THR B 6 43.84 -44.79 1.09
N LEU B 7 42.81 -43.95 1.10
CA LEU B 7 42.98 -42.57 1.54
C LEU B 7 41.94 -42.15 2.57
N TRP B 8 42.39 -41.63 3.71
CA TRP B 8 41.46 -41.15 4.73
C TRP B 8 41.99 -39.92 5.47
N ALA B 9 41.10 -39.04 5.89
CA ALA B 9 41.50 -37.81 6.56
C ALA B 9 40.92 -37.72 7.96
N GLU B 10 41.77 -37.43 8.93
CA GLU B 10 41.30 -37.26 10.30
C GLU B 10 41.55 -35.83 10.73
N PRO B 11 40.52 -35.18 11.30
CA PRO B 11 39.37 -35.86 11.92
C PRO B 11 38.30 -36.22 10.89
N GLY B 12 38.26 -35.52 9.76
CA GLY B 12 37.25 -35.80 8.76
C GLY B 12 37.49 -35.10 7.43
N SER B 13 36.55 -35.29 6.50
CA SER B 13 36.68 -34.66 5.19
C SER B 13 36.26 -33.21 5.29
N VAL B 14 35.17 -32.96 6.01
CA VAL B 14 34.71 -31.59 6.21
C VAL B 14 35.51 -30.93 7.34
N ILE B 15 36.36 -29.96 7.01
CA ILE B 15 37.17 -29.29 8.01
C ILE B 15 36.93 -27.79 7.96
N SER B 16 36.74 -27.16 9.11
CA SER B 16 36.43 -25.73 9.14
C SER B 16 37.60 -24.84 8.72
N TRP B 17 37.30 -23.58 8.42
CA TRP B 17 38.35 -22.65 8.00
C TRP B 17 39.33 -22.39 9.12
N GLY B 18 40.56 -22.87 8.96
CA GLY B 18 41.59 -22.66 9.98
C GLY B 18 41.92 -23.90 10.78
N SER B 19 40.93 -24.77 10.98
CA SER B 19 41.14 -26.00 11.75
C SER B 19 42.16 -26.90 11.06
N PRO B 20 43.03 -27.54 11.85
CA PRO B 20 44.07 -28.42 11.27
C PRO B 20 43.54 -29.76 10.77
N VAL B 21 44.18 -30.33 9.76
CA VAL B 21 43.74 -31.60 9.19
C VAL B 21 44.92 -32.41 8.64
N THR B 22 44.95 -33.71 8.91
CA THR B 22 46.00 -34.57 8.37
C THR B 22 45.42 -35.69 7.52
N ILE B 23 45.93 -35.85 6.30
CA ILE B 23 45.44 -36.90 5.41
C ILE B 23 46.39 -38.09 5.45
N TRP B 24 45.84 -39.30 5.51
CA TRP B 24 46.67 -40.50 5.57
C TRP B 24 46.53 -41.40 4.36
N CYS B 25 47.62 -42.04 3.97
CA CYS B 25 47.58 -42.96 2.83
C CYS B 25 48.21 -44.30 3.20
N GLN B 26 47.53 -45.38 2.86
CA GLN B 26 48.05 -46.71 3.18
C GLN B 26 48.36 -47.52 1.93
N GLY B 27 49.60 -47.97 1.80
CA GLY B 27 49.99 -48.75 0.63
C GLY B 27 50.50 -50.14 0.95
N SER B 28 51.55 -50.57 0.26
CA SER B 28 52.10 -51.89 0.51
C SER B 28 53.11 -51.82 1.65
N LEU B 29 53.51 -53.00 2.14
CA LEU B 29 54.46 -53.07 3.24
C LEU B 29 55.86 -52.67 2.83
N GLU B 30 56.25 -52.96 1.59
CA GLU B 30 57.59 -52.61 1.11
C GLU B 30 57.62 -51.28 0.33
N ALA B 31 56.57 -50.47 0.46
CA ALA B 31 56.48 -49.21 -0.30
C ALA B 31 57.69 -48.31 -0.08
N GLN B 32 58.17 -47.67 -1.16
CA GLN B 32 59.35 -46.82 -1.07
C GLN B 32 59.05 -45.33 -0.89
N GLU B 33 58.07 -44.81 -1.61
CA GLU B 33 57.76 -43.38 -1.54
C GLU B 33 56.29 -43.10 -1.82
N TYR B 34 55.64 -42.33 -0.96
CA TYR B 34 54.22 -42.03 -1.13
C TYR B 34 54.03 -40.65 -1.74
N ARG B 35 53.15 -40.54 -2.73
CA ARG B 35 52.93 -39.27 -3.39
C ARG B 35 51.44 -38.89 -3.38
N LEU B 36 51.13 -37.73 -2.81
CA LEU B 36 49.74 -37.29 -2.74
C LEU B 36 49.48 -36.17 -3.75
N ASP B 37 48.71 -36.47 -4.79
CA ASP B 37 48.42 -35.48 -5.82
C ASP B 37 47.08 -34.81 -5.61
N LYS B 38 46.85 -33.69 -6.27
CA LYS B 38 45.57 -33.00 -6.15
C LYS B 38 44.99 -32.66 -7.50
N GLU B 39 43.74 -33.05 -7.71
CA GLU B 39 43.09 -32.72 -8.97
C GLU B 39 43.23 -31.22 -9.19
N GLY B 40 43.88 -30.85 -10.28
CA GLY B 40 44.09 -29.43 -10.56
C GLY B 40 45.51 -28.98 -10.27
N SER B 41 46.08 -29.41 -9.15
CA SER B 41 47.42 -28.97 -8.79
C SER B 41 48.43 -30.09 -8.91
N PRO B 42 49.37 -29.96 -9.86
CA PRO B 42 50.40 -31.00 -10.06
C PRO B 42 51.26 -31.18 -8.82
N GLU B 43 51.57 -30.08 -8.12
CA GLU B 43 52.40 -30.14 -6.93
C GLU B 43 51.86 -31.11 -5.89
N PRO B 44 52.70 -32.05 -5.40
CA PRO B 44 52.11 -32.92 -4.38
C PRO B 44 51.90 -32.22 -3.06
N LEU B 45 50.78 -32.51 -2.39
CA LEU B 45 50.52 -31.90 -1.10
C LEU B 45 51.57 -32.34 -0.09
N ASP B 46 52.21 -31.38 0.57
CA ASP B 46 53.23 -31.69 1.58
C ASP B 46 54.31 -32.62 1.04
N ARG B 47 54.59 -33.70 1.76
CA ARG B 47 55.62 -34.64 1.34
C ARG B 47 55.26 -35.29 -0.01
N LYS B 54 56.37 -47.69 6.91
CA LYS B 54 56.55 -48.04 5.50
C LYS B 54 55.20 -48.23 4.81
N ASN B 55 54.17 -48.58 5.57
CA ASN B 55 52.83 -48.73 5.01
C ASN B 55 51.91 -47.54 5.32
N LYS B 56 52.29 -46.73 6.30
CA LYS B 56 51.46 -45.58 6.69
C LYS B 56 52.17 -44.25 6.46
N ALA B 57 51.59 -43.40 5.63
CA ALA B 57 52.24 -42.12 5.31
C ALA B 57 51.25 -40.98 5.51
N ARG B 58 51.65 -39.96 6.25
CA ARG B 58 50.74 -38.86 6.54
C ARG B 58 51.13 -37.55 5.85
N PHE B 59 50.15 -36.67 5.64
CA PHE B 59 50.41 -35.39 5.01
C PHE B 59 49.65 -34.36 5.82
N SER B 60 50.34 -33.57 6.60
CA SER B 60 49.65 -32.64 7.51
C SER B 60 49.45 -31.24 6.98
N ILE B 61 48.29 -30.66 7.29
CA ILE B 61 48.01 -29.29 6.89
C ILE B 61 47.76 -28.49 8.16
N PRO B 62 48.66 -27.54 8.46
CA PRO B 62 48.53 -26.76 9.71
C PRO B 62 47.23 -25.96 9.74
N SER B 63 46.88 -25.29 8.65
CA SER B 63 45.66 -24.51 8.61
C SER B 63 44.89 -24.76 7.32
N MET B 64 43.65 -25.20 7.45
CA MET B 64 42.82 -25.43 6.27
C MET B 64 42.47 -24.11 5.65
N THR B 65 42.85 -23.91 4.39
CA THR B 65 42.56 -22.68 3.68
C THR B 65 41.87 -23.03 2.37
N GLU B 66 41.30 -22.03 1.70
CA GLU B 66 40.59 -22.28 0.44
C GLU B 66 41.47 -22.90 -0.64
N HIS B 67 42.77 -22.97 -0.39
CA HIS B 67 43.69 -23.52 -1.39
C HIS B 67 43.93 -25.01 -1.23
N HIS B 68 43.57 -25.56 -0.07
CA HIS B 68 43.75 -26.98 0.17
C HIS B 68 42.44 -27.73 0.00
N ALA B 69 41.38 -27.01 -0.33
CA ALA B 69 40.07 -27.61 -0.51
C ALA B 69 39.90 -28.18 -1.90
N GLY B 70 40.05 -29.50 -2.04
CA GLY B 70 39.93 -30.14 -3.34
C GLY B 70 40.00 -31.64 -3.27
N ARG B 71 39.97 -32.29 -4.42
CA ARG B 71 40.02 -33.74 -4.46
C ARG B 71 41.45 -34.23 -4.48
N TYR B 72 41.79 -35.12 -3.57
CA TYR B 72 43.17 -35.64 -3.49
C TYR B 72 43.25 -37.12 -3.84
N ARG B 73 44.33 -37.52 -4.51
CA ARG B 73 44.53 -38.93 -4.84
C ARG B 73 45.93 -39.36 -4.45
N CYS B 74 46.07 -40.56 -3.90
CA CYS B 74 47.38 -41.05 -3.46
C CYS B 74 47.90 -42.21 -4.28
N HIS B 75 49.20 -42.39 -4.30
CA HIS B 75 49.81 -43.53 -4.99
C HIS B 75 51.24 -43.67 -4.48
N TYR B 76 51.63 -44.91 -4.22
CA TYR B 76 52.95 -45.20 -3.65
C TYR B 76 53.82 -45.85 -4.70
N TYR B 77 55.12 -45.58 -4.62
CA TYR B 77 56.11 -46.18 -5.49
C TYR B 77 56.60 -47.47 -4.86
N SER B 78 56.77 -48.50 -5.68
CA SER B 78 57.26 -49.80 -5.26
C SER B 78 58.58 -50.10 -5.96
N SER B 79 59.25 -51.16 -5.51
CA SER B 79 60.46 -51.59 -6.19
C SER B 79 60.17 -52.11 -7.59
N ALA B 80 58.91 -52.38 -7.92
CA ALA B 80 58.55 -52.86 -9.24
C ALA B 80 57.84 -51.81 -10.08
N GLY B 81 57.55 -50.64 -9.51
CA GLY B 81 56.89 -49.59 -10.26
C GLY B 81 55.94 -48.81 -9.37
N TRP B 82 55.02 -48.08 -10.02
CA TRP B 82 54.05 -47.26 -9.31
C TRP B 82 52.71 -47.98 -9.22
N SER B 83 51.95 -47.65 -8.18
CA SER B 83 50.67 -48.29 -7.92
C SER B 83 49.54 -47.58 -8.67
N GLU B 84 48.36 -48.16 -8.58
CA GLU B 84 47.16 -47.48 -9.05
C GLU B 84 46.87 -46.24 -8.20
N PRO B 85 46.42 -45.16 -8.81
CA PRO B 85 46.00 -44.00 -8.02
C PRO B 85 44.85 -44.35 -7.10
N SER B 86 44.75 -43.62 -6.00
CA SER B 86 43.75 -43.93 -4.99
C SER B 86 42.38 -43.39 -5.39
N ASP B 87 41.37 -43.80 -4.63
CA ASP B 87 40.05 -43.22 -4.75
C ASP B 87 40.10 -41.76 -4.27
N PRO B 88 39.36 -40.83 -4.94
CA PRO B 88 39.56 -39.45 -4.47
C PRO B 88 38.97 -39.13 -3.10
N LEU B 89 39.53 -38.14 -2.42
CA LEU B 89 39.00 -37.72 -1.14
C LEU B 89 38.75 -36.24 -1.19
N GLU B 90 37.50 -35.82 -1.04
CA GLU B 90 37.17 -34.41 -1.15
C GLU B 90 37.34 -33.67 0.16
N LEU B 91 38.47 -33.03 0.35
CA LEU B 91 38.67 -32.25 1.55
C LEU B 91 37.89 -30.97 1.38
N VAL B 92 36.98 -30.68 2.30
CA VAL B 92 36.12 -29.51 2.16
C VAL B 92 36.39 -28.48 3.23
N MET B 93 36.41 -27.21 2.88
CA MET B 93 36.53 -26.16 3.88
C MET B 93 35.15 -25.57 4.10
N THR B 94 34.54 -25.80 5.26
CA THR B 94 33.16 -25.35 5.49
C THR B 94 33.03 -24.19 6.48
N GLY B 95 33.96 -23.25 6.44
CA GLY B 95 33.84 -22.09 7.31
C GLY B 95 33.95 -20.77 6.59
N PHE B 96 33.28 -20.65 5.45
CA PHE B 96 33.41 -19.44 4.65
C PHE B 96 32.16 -18.58 4.45
N TYR B 97 31.28 -18.99 3.54
CA TYR B 97 30.11 -18.18 3.24
C TYR B 97 29.19 -18.03 4.45
N ASN B 98 28.39 -16.98 4.46
CA ASN B 98 27.43 -16.78 5.55
C ASN B 98 26.53 -18.00 5.69
N LYS B 99 25.88 -18.14 6.83
CA LYS B 99 25.08 -19.35 7.05
C LYS B 99 23.70 -19.28 6.42
N PRO B 100 23.19 -20.45 5.90
CA PRO B 100 21.82 -20.38 5.39
C PRO B 100 20.76 -20.65 6.45
N THR B 101 19.51 -20.78 6.04
CA THR B 101 18.42 -21.02 6.99
C THR B 101 17.70 -22.32 6.73
N LEU B 102 17.68 -23.22 7.71
CA LEU B 102 16.99 -24.49 7.57
C LEU B 102 15.68 -24.48 8.32
N SER B 103 14.60 -24.86 7.65
CA SER B 103 13.28 -24.92 8.30
C SER B 103 12.61 -26.24 7.97
N ALA B 104 11.49 -26.51 8.61
CA ALA B 104 10.76 -27.75 8.37
C ALA B 104 9.37 -27.48 7.85
N LEU B 105 8.91 -28.30 6.92
CA LEU B 105 7.58 -28.13 6.35
C LEU B 105 6.82 -29.46 6.40
N PRO B 106 5.73 -29.53 7.20
CA PRO B 106 5.02 -28.35 7.73
C PRO B 106 5.40 -27.94 9.17
N SER B 107 5.88 -28.87 10.00
CA SER B 107 6.23 -28.56 11.37
C SER B 107 7.41 -29.40 11.83
N PRO B 108 8.15 -28.93 12.85
CA PRO B 108 9.23 -29.75 13.40
C PRO B 108 8.76 -31.09 13.93
N VAL B 109 7.50 -31.18 14.36
CA VAL B 109 6.94 -32.44 14.85
C VAL B 109 6.31 -33.25 13.71
N VAL B 110 6.77 -34.48 13.51
CA VAL B 110 6.26 -35.31 12.42
C VAL B 110 5.71 -36.61 12.98
N ALA B 111 4.74 -37.23 12.30
CA ALA B 111 4.24 -38.52 12.74
C ALA B 111 5.30 -39.60 12.53
N SER B 112 5.37 -40.57 13.44
CA SER B 112 6.39 -41.60 13.33
C SER B 112 6.20 -42.43 12.08
N GLY B 113 7.24 -42.56 11.27
CA GLY B 113 7.13 -43.28 10.01
C GLY B 113 6.63 -42.37 8.92
N GLY B 114 6.48 -41.09 9.22
CA GLY B 114 5.96 -40.15 8.24
C GLY B 114 7.02 -39.44 7.45
N ASN B 115 6.60 -38.72 6.42
CA ASN B 115 7.54 -38.02 5.56
C ASN B 115 7.38 -36.52 5.67
N MET B 116 8.46 -35.78 5.42
CA MET B 116 8.40 -34.33 5.48
C MET B 116 9.38 -33.68 4.52
N THR B 117 9.44 -32.36 4.52
CA THR B 117 10.36 -31.64 3.64
C THR B 117 11.12 -30.59 4.44
N LEU B 118 12.43 -30.57 4.32
CA LEU B 118 13.22 -29.54 4.98
C LEU B 118 13.72 -28.55 3.94
N ARG B 119 13.38 -27.28 4.11
CA ARG B 119 13.78 -26.27 3.14
C ARG B 119 15.00 -25.49 3.57
N CYS B 120 16.07 -25.57 2.79
CA CYS B 120 17.27 -24.77 3.08
C CYS B 120 17.30 -23.59 2.15
N GLY B 121 17.70 -22.44 2.65
CA GLY B 121 17.68 -21.25 1.83
C GLY B 121 18.58 -20.10 2.21
N SER B 122 19.02 -19.33 1.21
CA SER B 122 19.88 -18.18 1.46
C SER B 122 19.32 -16.97 0.73
N GLN B 123 19.73 -15.78 1.12
CA GLN B 123 19.23 -14.55 0.50
C GLN B 123 19.75 -14.38 -0.93
N LYS B 124 21.03 -14.63 -1.14
CA LYS B 124 21.60 -14.53 -2.47
C LYS B 124 21.33 -15.76 -3.32
N GLY B 125 21.63 -15.68 -4.61
CA GLY B 125 21.41 -16.79 -5.50
C GLY B 125 22.69 -17.50 -5.87
N TYR B 126 22.60 -18.44 -6.81
CA TYR B 126 23.79 -19.18 -7.30
C TYR B 126 24.45 -20.08 -6.25
N HIS B 127 23.67 -20.73 -5.40
CA HIS B 127 24.24 -21.62 -4.38
C HIS B 127 23.68 -23.03 -4.49
N HIS B 128 24.52 -24.03 -4.27
CA HIS B 128 24.06 -25.41 -4.29
C HIS B 128 24.05 -25.95 -2.88
N PHE B 129 22.88 -26.28 -2.34
CA PHE B 129 22.78 -26.68 -0.94
C PHE B 129 23.05 -28.15 -0.59
N VAL B 130 23.57 -28.39 0.61
CA VAL B 130 23.86 -29.75 1.08
C VAL B 130 23.28 -29.98 2.46
N LEU B 131 22.49 -31.03 2.65
CA LEU B 131 21.93 -31.33 3.97
C LEU B 131 22.72 -32.40 4.67
N MET B 132 23.21 -32.10 5.86
CA MET B 132 23.98 -33.06 6.64
C MET B 132 23.25 -33.49 7.90
N LYS B 133 22.90 -34.76 8.00
CA LYS B 133 22.24 -35.24 9.19
C LYS B 133 23.28 -35.50 10.23
N GLU B 134 23.17 -34.80 11.36
CA GLU B 134 24.13 -34.97 12.44
C GLU B 134 24.06 -36.37 13.01
N GLY B 135 25.22 -37.02 13.14
CA GLY B 135 25.26 -38.36 13.72
C GLY B 135 25.35 -39.49 12.72
N GLU B 136 25.03 -39.22 11.46
CA GLU B 136 25.08 -40.27 10.44
C GLU B 136 26.23 -40.01 9.48
N HIS B 137 27.06 -41.03 9.25
CA HIS B 137 28.20 -40.89 8.34
C HIS B 137 27.76 -41.14 6.91
N GLN B 138 27.02 -40.21 6.34
CA GLN B 138 26.54 -40.35 4.97
C GLN B 138 27.18 -39.35 4.03
N LEU B 139 27.06 -39.60 2.73
CA LEU B 139 27.57 -38.66 1.75
C LEU B 139 26.75 -37.38 1.79
N PRO B 140 27.43 -36.21 1.71
CA PRO B 140 26.74 -34.93 1.70
C PRO B 140 25.58 -34.92 0.72
N ARG B 141 24.36 -34.65 1.18
CA ARG B 141 23.19 -34.73 0.30
C ARG B 141 22.97 -33.47 -0.50
N THR B 142 23.38 -33.47 -1.76
CA THR B 142 23.29 -32.26 -2.58
C THR B 142 22.01 -32.19 -3.40
N LEU B 143 21.54 -30.97 -3.68
CA LEU B 143 20.35 -30.80 -4.51
C LEU B 143 20.59 -31.34 -5.93
N ASP B 144 21.85 -31.42 -6.36
CA ASP B 144 22.17 -31.87 -7.71
C ASP B 144 21.57 -33.22 -8.12
N SER B 145 21.30 -34.10 -7.15
CA SER B 145 20.63 -35.36 -7.47
C SER B 145 19.25 -35.06 -8.03
N GLN B 146 18.54 -34.11 -7.42
CA GLN B 146 17.23 -33.70 -7.90
C GLN B 146 17.32 -32.28 -8.42
N GLN B 147 18.45 -31.94 -9.02
CA GLN B 147 18.68 -30.54 -9.44
C GLN B 147 17.54 -29.90 -10.20
N LEU B 148 17.29 -28.63 -9.91
CA LEU B 148 16.23 -27.89 -10.60
C LEU B 148 16.71 -26.48 -10.90
N HIS B 149 16.38 -25.96 -12.08
CA HIS B 149 16.76 -24.60 -12.42
C HIS B 149 15.85 -23.65 -11.68
N SER B 150 16.30 -23.16 -10.53
CA SER B 150 15.46 -22.29 -9.72
C SER B 150 16.11 -20.93 -9.46
N GLY B 151 17.43 -20.91 -9.40
CA GLY B 151 18.12 -19.66 -9.10
C GLY B 151 19.10 -19.75 -7.96
N GLY B 152 19.12 -20.87 -7.25
CA GLY B 152 20.07 -21.06 -6.17
C GLY B 152 19.71 -20.41 -4.86
N PHE B 153 18.47 -19.98 -4.71
CA PHE B 153 18.06 -19.32 -3.48
C PHE B 153 17.66 -20.33 -2.42
N GLN B 154 16.99 -21.41 -2.83
CA GLN B 154 16.52 -22.41 -1.89
C GLN B 154 16.71 -23.81 -2.36
N ALA B 155 16.50 -24.77 -1.47
CA ALA B 155 16.59 -26.17 -1.85
C ALA B 155 15.65 -26.91 -0.94
N LEU B 156 14.79 -27.74 -1.53
CA LEU B 156 13.85 -28.52 -0.74
C LEU B 156 14.36 -29.93 -0.64
N PHE B 157 14.59 -30.39 0.58
CA PHE B 157 15.10 -31.73 0.77
C PHE B 157 14.07 -32.62 1.42
N PRO B 158 13.65 -33.71 0.71
CA PRO B 158 12.62 -34.50 1.38
C PRO B 158 13.21 -35.45 2.39
N VAL B 159 12.80 -35.32 3.65
CA VAL B 159 13.27 -36.21 4.70
C VAL B 159 12.17 -37.19 5.05
N GLY B 160 12.52 -38.45 5.24
CA GLY B 160 11.53 -39.45 5.58
C GLY B 160 12.14 -40.83 5.60
N PRO B 161 11.30 -41.87 5.77
CA PRO B 161 10.52 -42.19 6.96
C PRO B 161 11.22 -41.82 8.26
N VAL B 162 10.60 -40.99 9.08
CA VAL B 162 11.20 -40.57 10.33
C VAL B 162 10.98 -41.61 11.42
N ASN B 163 11.77 -42.67 11.40
CA ASN B 163 11.68 -43.70 12.43
C ASN B 163 12.15 -43.16 13.77
N PRO B 164 11.57 -43.66 14.87
CA PRO B 164 11.92 -43.09 16.17
C PRO B 164 13.01 -43.85 16.90
N SER B 165 13.97 -44.39 16.17
CA SER B 165 15.03 -45.18 16.79
C SER B 165 16.22 -44.29 17.10
N HIS B 166 16.16 -43.03 16.67
CA HIS B 166 17.25 -42.11 16.90
C HIS B 166 16.75 -40.69 16.74
N ARG B 167 17.57 -39.71 17.11
CA ARG B 167 17.18 -38.33 16.94
C ARG B 167 17.51 -37.87 15.54
N TRP B 168 16.64 -37.04 14.96
CA TRP B 168 16.89 -36.54 13.62
C TRP B 168 17.30 -35.08 13.68
N ARG B 169 18.61 -34.81 13.68
CA ARG B 169 19.10 -33.44 13.75
C ARG B 169 19.80 -33.10 12.46
N PHE B 170 19.48 -31.94 11.88
CA PHE B 170 20.04 -31.58 10.57
C PHE B 170 20.76 -30.25 10.52
N THR B 171 21.75 -30.13 9.63
CA THR B 171 22.50 -28.89 9.48
C THR B 171 22.70 -28.67 7.98
N CYS B 172 22.66 -27.43 7.51
CA CYS B 172 22.76 -27.19 6.08
C CYS B 172 23.89 -26.28 5.64
N TYR B 173 24.54 -26.60 4.53
CA TYR B 173 25.60 -25.75 3.98
C TYR B 173 25.31 -25.48 2.52
N TYR B 174 25.97 -24.51 1.92
CA TYR B 174 25.81 -24.27 0.47
C TYR B 174 27.16 -24.00 -0.19
N TYR B 175 27.23 -24.13 -1.50
CA TYR B 175 28.48 -23.91 -2.20
C TYR B 175 28.30 -23.40 -3.63
N TYR B 176 29.23 -22.56 -4.09
CA TYR B 176 29.18 -22.07 -5.46
C TYR B 176 29.75 -23.14 -6.36
N MET B 177 29.20 -23.29 -7.57
CA MET B 177 29.63 -24.36 -8.46
C MET B 177 31.09 -24.30 -8.86
N ASN B 178 31.64 -23.09 -9.01
CA ASN B 178 33.04 -22.93 -9.37
C ASN B 178 33.97 -23.57 -8.35
N THR B 179 33.67 -23.43 -7.07
CA THR B 179 34.47 -24.06 -6.02
C THR B 179 33.58 -25.04 -5.28
N PRO B 180 33.53 -26.30 -5.74
CA PRO B 180 32.62 -27.27 -5.12
C PRO B 180 33.04 -27.75 -3.73
N GLN B 181 34.28 -27.52 -3.34
CA GLN B 181 34.77 -28.02 -2.06
C GLN B 181 34.93 -26.90 -1.04
N VAL B 182 34.42 -25.72 -1.33
CA VAL B 182 34.46 -24.64 -0.36
C VAL B 182 33.02 -24.32 0.00
N TRP B 183 32.61 -24.64 1.23
CA TRP B 183 31.21 -24.45 1.62
C TRP B 183 30.98 -23.24 2.50
N SER B 184 29.74 -23.05 2.95
CA SER B 184 29.41 -21.92 3.82
C SER B 184 29.48 -22.28 5.29
N HIS B 185 28.97 -21.41 6.14
CA HIS B 185 28.94 -21.69 7.57
C HIS B 185 27.74 -22.55 7.87
N PRO B 186 27.91 -23.55 8.75
CA PRO B 186 26.80 -24.48 9.04
C PRO B 186 25.58 -23.74 9.53
N SER B 187 24.39 -24.11 9.05
CA SER B 187 23.17 -23.49 9.53
C SER B 187 22.85 -23.93 10.94
N ASP B 188 21.93 -23.24 11.59
CA ASP B 188 21.51 -23.63 12.93
C ASP B 188 20.82 -24.98 12.88
N PRO B 189 21.21 -25.93 13.78
CA PRO B 189 20.60 -27.26 13.63
C PRO B 189 19.10 -27.35 13.85
N LEU B 190 18.47 -28.36 13.28
CA LEU B 190 17.03 -28.54 13.45
C LEU B 190 16.71 -29.95 13.91
N GLU B 191 16.07 -30.09 15.06
CA GLU B 191 15.67 -31.41 15.53
C GLU B 191 14.25 -31.74 15.12
N ILE B 192 14.06 -32.94 14.57
CA ILE B 192 12.73 -33.36 14.16
C ILE B 192 12.18 -34.34 15.18
N LEU B 193 10.97 -34.08 15.67
CA LEU B 193 10.39 -34.92 16.72
C LEU B 193 9.38 -35.92 16.16
N PRO B 194 9.63 -37.23 16.36
CA PRO B 194 8.70 -38.25 15.87
C PRO B 194 7.57 -38.53 16.87
N SER B 195 6.42 -37.90 16.66
CA SER B 195 5.27 -38.12 17.54
C SER B 195 4.62 -39.46 17.25
N GLY B 196 4.16 -40.15 18.29
CA GLY B 196 3.58 -41.46 18.12
C GLY B 196 2.15 -41.63 18.60
N VAL B 197 1.88 -42.74 19.28
CA VAL B 197 0.51 -43.03 19.73
C VAL B 197 0.40 -43.19 21.25
N SER B 198 1.51 -43.02 21.97
CA SER B 198 1.48 -43.11 23.44
C SER B 198 0.53 -42.08 24.05
N ARG B 199 0.02 -42.36 25.24
CA ARG B 199 -0.96 -41.45 25.88
C ARG B 199 -0.51 -40.00 25.93
N LYS B 200 -1.42 -39.09 25.59
CA LYS B 200 -1.09 -37.68 25.58
C LYS B 200 -0.93 -37.04 26.95
N PRO B 201 -0.11 -35.95 27.05
CA PRO B 201 -0.10 -35.30 28.35
C PRO B 201 -1.19 -34.23 28.45
N SER B 202 -1.15 -33.38 29.47
CA SER B 202 -2.15 -32.32 29.63
C SER B 202 -1.49 -30.98 29.81
N LEU B 203 -1.86 -30.00 28.99
CA LEU B 203 -1.28 -28.68 29.10
C LEU B 203 -2.25 -27.73 29.79
N LEU B 204 -1.85 -27.17 30.91
CA LEU B 204 -2.73 -26.28 31.67
C LEU B 204 -2.09 -24.95 31.91
N THR B 205 -2.73 -23.87 31.49
CA THR B 205 -2.20 -22.55 31.79
C THR B 205 -2.45 -22.25 33.25
N LEU B 206 -1.60 -21.42 33.83
CA LEU B 206 -1.77 -21.06 35.23
C LEU B 206 -2.10 -19.59 35.44
N GLN B 207 -2.32 -18.84 34.36
CA GLN B 207 -2.56 -17.40 34.49
C GLN B 207 -3.79 -16.84 33.77
N GLY B 208 -4.89 -17.59 33.73
CA GLY B 208 -6.12 -17.06 33.17
C GLY B 208 -6.37 -17.20 31.68
N PRO B 209 -7.63 -16.96 31.24
CA PRO B 209 -7.84 -17.18 29.79
C PRO B 209 -7.19 -16.12 28.89
N VAL B 210 -7.52 -14.85 29.08
CA VAL B 210 -6.99 -13.80 28.23
C VAL B 210 -5.87 -13.07 28.96
N LEU B 211 -4.69 -13.05 28.36
CA LEU B 211 -3.53 -12.42 29.00
C LEU B 211 -3.32 -10.99 28.55
N ALA B 212 -2.96 -10.12 29.48
CA ALA B 212 -2.67 -8.74 29.16
C ALA B 212 -1.16 -8.57 29.17
N PRO B 213 -0.63 -7.63 28.37
CA PRO B 213 0.83 -7.50 28.29
C PRO B 213 1.47 -7.28 29.65
N GLY B 214 2.53 -8.02 29.94
CA GLY B 214 3.21 -7.89 31.22
C GLY B 214 3.01 -9.07 32.15
N GLN B 215 1.95 -9.85 31.94
CA GLN B 215 1.70 -11.02 32.78
C GLN B 215 2.74 -12.10 32.54
N SER B 216 3.09 -12.84 33.59
CA SER B 216 4.09 -13.89 33.46
C SER B 216 3.43 -15.22 33.13
N LEU B 217 3.32 -15.55 31.85
CA LEU B 217 2.65 -16.79 31.48
C LEU B 217 3.44 -18.03 31.87
N THR B 218 2.80 -18.98 32.53
CA THR B 218 3.47 -20.24 32.85
C THR B 218 2.59 -21.41 32.46
N LEU B 219 2.95 -22.12 31.40
CA LEU B 219 2.15 -23.25 30.93
C LEU B 219 2.65 -24.53 31.58
N GLN B 220 1.81 -25.19 32.35
CA GLN B 220 2.22 -26.39 33.04
C GLN B 220 1.82 -27.63 32.28
N CYS B 221 2.78 -28.48 31.97
CA CYS B 221 2.48 -29.71 31.26
C CYS B 221 2.57 -30.85 32.24
N GLY B 222 1.69 -31.83 32.12
CA GLY B 222 1.68 -32.93 33.06
C GLY B 222 1.18 -34.25 32.53
N SER B 223 1.70 -35.35 33.06
CA SER B 223 1.29 -36.67 32.62
C SER B 223 1.19 -37.67 33.76
N ASP B 224 0.25 -38.60 33.65
CA ASP B 224 0.10 -39.63 34.67
C ASP B 224 0.86 -40.90 34.29
N VAL B 225 1.28 -41.00 33.03
CA VAL B 225 1.98 -42.20 32.57
C VAL B 225 3.44 -42.19 33.03
N GLY B 226 3.92 -41.04 33.47
CA GLY B 226 5.28 -40.95 33.96
C GLY B 226 6.34 -40.66 32.91
N TYR B 227 6.12 -39.63 32.11
CA TYR B 227 7.11 -39.25 31.13
C TYR B 227 8.26 -38.57 31.87
N ASP B 228 9.41 -38.42 31.21
CA ASP B 228 10.57 -37.86 31.89
C ASP B 228 11.04 -36.55 31.30
N ARG B 229 10.66 -36.28 30.05
CA ARG B 229 11.02 -35.02 29.40
C ARG B 229 9.85 -34.47 28.59
N PHE B 230 9.61 -33.17 28.68
CA PHE B 230 8.47 -32.58 28.01
C PHE B 230 8.85 -31.51 26.99
N VAL B 231 8.10 -31.43 25.90
CA VAL B 231 8.36 -30.43 24.86
C VAL B 231 7.14 -29.58 24.61
N LEU B 232 7.31 -28.26 24.50
CA LEU B 232 6.20 -27.37 24.22
C LEU B 232 6.40 -26.73 22.87
N TYR B 233 5.41 -26.86 22.00
CA TYR B 233 5.52 -26.30 20.66
C TYR B 233 4.40 -25.33 20.32
N LYS B 234 4.74 -24.11 19.90
CA LYS B 234 3.73 -23.15 19.48
C LYS B 234 3.57 -23.29 17.99
N GLU B 235 2.39 -23.68 17.54
CA GLU B 235 2.20 -23.95 16.12
C GLU B 235 2.66 -22.77 15.28
N GLY B 236 3.57 -23.03 14.34
CA GLY B 236 4.07 -21.98 13.48
C GLY B 236 5.53 -21.64 13.71
N GLU B 237 6.14 -22.22 14.74
CA GLU B 237 7.53 -21.91 15.08
C GLU B 237 8.51 -22.92 14.51
N ARG B 238 9.79 -22.57 14.51
CA ARG B 238 10.81 -23.46 13.96
C ARG B 238 11.41 -24.35 15.04
N ASP B 239 11.40 -23.89 16.27
CA ASP B 239 11.98 -24.67 17.35
C ASP B 239 11.03 -24.88 18.53
N PHE B 240 11.44 -25.68 19.50
CA PHE B 240 10.60 -25.98 20.64
C PHE B 240 11.34 -25.82 21.94
N LEU B 241 10.62 -25.85 23.06
CA LEU B 241 11.24 -25.71 24.37
C LEU B 241 11.18 -27.04 25.08
N GLN B 242 12.24 -27.39 25.79
CA GLN B 242 12.29 -28.68 26.47
C GLN B 242 12.65 -28.58 27.94
N ARG B 243 11.82 -29.12 28.81
CA ARG B 243 12.08 -29.11 30.25
C ARG B 243 11.95 -30.52 30.80
N PRO B 244 12.82 -30.92 31.77
CA PRO B 244 12.59 -32.29 32.26
C PRO B 244 11.38 -32.39 33.19
N GLY B 245 10.82 -33.59 33.33
CA GLY B 245 9.64 -33.75 34.13
C GLY B 245 9.84 -34.21 35.55
N GLN B 246 9.74 -33.28 36.49
CA GLN B 246 9.92 -33.61 37.89
C GLN B 246 8.73 -34.39 38.40
N GLN B 247 8.93 -35.18 39.45
CA GLN B 247 7.85 -35.96 39.99
C GLN B 247 7.44 -35.49 41.37
N PRO B 248 6.42 -34.62 41.45
CA PRO B 248 5.93 -34.22 42.78
C PRO B 248 5.34 -35.42 43.47
N GLN B 249 4.59 -36.25 42.75
CA GLN B 249 4.04 -37.46 43.30
C GLN B 249 4.55 -38.63 42.49
N ALA B 250 4.52 -39.83 43.06
CA ALA B 250 4.95 -41.01 42.30
C ALA B 250 4.02 -41.21 41.11
N GLY B 251 4.60 -41.27 39.90
CA GLY B 251 3.81 -41.44 38.70
C GLY B 251 3.48 -40.13 38.01
N LEU B 252 2.97 -39.16 38.76
CA LEU B 252 2.65 -37.85 38.19
C LEU B 252 3.92 -37.13 37.81
N SER B 253 4.04 -36.74 36.55
CA SER B 253 5.22 -36.02 36.11
C SER B 253 4.82 -34.69 35.51
N GLN B 254 5.34 -33.61 36.06
CA GLN B 254 4.97 -32.28 35.58
C GLN B 254 6.16 -31.37 35.27
N ALA B 255 5.98 -30.47 34.33
CA ALA B 255 7.04 -29.55 33.96
C ALA B 255 6.46 -28.19 33.65
N ASN B 256 6.96 -27.16 34.32
CA ASN B 256 6.41 -25.83 34.13
C ASN B 256 7.22 -25.04 33.11
N PHE B 257 6.60 -24.70 32.00
CA PHE B 257 7.29 -23.97 30.95
C PHE B 257 7.10 -22.49 31.16
N THR B 258 7.97 -21.89 31.95
CA THR B 258 7.87 -20.46 32.24
C THR B 258 8.17 -19.63 30.99
N LEU B 259 7.13 -19.12 30.35
CA LEU B 259 7.32 -18.31 29.15
C LEU B 259 7.66 -16.87 29.50
N GLY B 260 7.44 -16.47 30.74
CA GLY B 260 7.79 -15.12 31.17
C GLY B 260 6.86 -14.02 30.75
N PRO B 261 7.29 -12.72 30.87
CA PRO B 261 6.41 -11.65 30.37
C PRO B 261 5.82 -11.90 28.99
N VAL B 262 4.59 -11.46 28.77
CA VAL B 262 3.92 -11.75 27.49
C VAL B 262 3.91 -10.61 26.49
N SER B 263 3.93 -10.97 25.21
CA SER B 263 3.92 -9.97 24.13
C SER B 263 3.18 -10.57 22.95
N ARG B 264 3.30 -9.96 21.77
CA ARG B 264 2.66 -10.49 20.57
C ARG B 264 3.09 -11.92 20.31
N SER B 265 4.37 -12.21 20.52
CA SER B 265 4.89 -13.54 20.22
C SER B 265 4.31 -14.68 21.05
N HIS B 266 3.77 -14.38 22.22
CA HIS B 266 3.29 -15.43 23.10
C HIS B 266 1.86 -15.86 22.80
N GLY B 267 1.22 -15.21 21.85
CA GLY B 267 -0.16 -15.52 21.53
C GLY B 267 -0.29 -16.54 20.43
N GLY B 268 -0.59 -17.77 20.81
CA GLY B 268 -0.76 -18.83 19.83
C GLY B 268 -1.27 -20.14 20.38
N GLN B 269 -1.18 -21.19 19.59
CA GLN B 269 -1.70 -22.49 20.02
C GLN B 269 -0.56 -23.38 20.47
N TYR B 270 -0.63 -23.89 21.69
CA TYR B 270 0.47 -24.68 22.22
C TYR B 270 0.08 -26.11 22.49
N ARG B 271 0.91 -27.04 22.04
CA ARG B 271 0.67 -28.45 22.34
C ARG B 271 1.88 -29.00 23.02
N CYS B 272 1.68 -29.91 23.96
CA CYS B 272 2.79 -30.45 24.72
C CYS B 272 3.00 -31.92 24.43
N TYR B 273 4.27 -32.35 24.37
CA TYR B 273 4.58 -33.75 24.12
C TYR B 273 5.46 -34.30 25.22
N GLY B 274 5.27 -35.56 25.58
CA GLY B 274 6.04 -36.16 26.66
C GLY B 274 6.81 -37.39 26.24
N ALA B 275 8.07 -37.47 26.66
CA ALA B 275 8.89 -38.63 26.33
C ALA B 275 9.85 -38.98 27.46
N HIS B 276 10.71 -39.96 27.24
CA HIS B 276 11.66 -40.38 28.26
C HIS B 276 13.09 -40.22 27.77
N ASN B 277 14.03 -40.14 28.70
CA ASN B 277 15.43 -39.94 28.34
C ASN B 277 15.83 -40.96 27.29
N LEU B 278 15.35 -42.20 27.44
CA LEU B 278 15.67 -43.23 26.47
C LEU B 278 14.64 -43.29 25.35
N SER B 279 13.53 -42.57 25.51
CA SER B 279 12.47 -42.59 24.51
C SER B 279 12.66 -41.50 23.46
N SER B 280 13.24 -41.85 22.33
CA SER B 280 13.42 -40.89 21.24
C SER B 280 12.08 -40.44 20.71
N GLU B 281 11.13 -41.37 20.61
CA GLU B 281 9.80 -41.03 20.13
C GLU B 281 9.06 -40.18 21.14
N TRP B 282 7.97 -39.54 20.73
CA TRP B 282 7.24 -38.66 21.63
C TRP B 282 5.77 -39.05 21.67
N SER B 283 5.10 -38.72 22.76
CA SER B 283 3.69 -39.06 22.92
C SER B 283 2.79 -38.28 21.98
N ALA B 284 1.53 -38.70 21.93
CA ALA B 284 0.57 -38.01 21.09
C ALA B 284 0.41 -36.59 21.60
N PRO B 285 0.03 -35.64 20.72
CA PRO B 285 -0.03 -34.28 21.26
C PRO B 285 -1.07 -34.07 22.33
N SER B 286 -0.85 -33.06 23.18
CA SER B 286 -1.86 -32.72 24.18
C SER B 286 -2.92 -31.87 23.52
N ASP B 287 -4.00 -31.59 24.25
CA ASP B 287 -5.04 -30.73 23.72
C ASP B 287 -4.53 -29.31 23.53
N PRO B 288 -4.89 -28.66 22.39
CA PRO B 288 -4.28 -27.33 22.22
C PRO B 288 -4.65 -26.33 23.28
N LEU B 289 -3.73 -25.43 23.61
CA LEU B 289 -4.00 -24.38 24.57
C LEU B 289 -3.82 -23.08 23.84
N ASN B 290 -4.92 -22.51 23.38
CA ASN B 290 -4.86 -21.25 22.69
C ASN B 290 -4.67 -20.14 23.69
N ILE B 291 -3.58 -19.39 23.56
CA ILE B 291 -3.30 -18.28 24.46
C ILE B 291 -3.73 -17.00 23.78
N LEU B 292 -4.65 -16.29 24.39
CA LEU B 292 -5.19 -15.08 23.77
C LEU B 292 -4.54 -13.85 24.37
N MET B 293 -4.05 -12.95 23.53
CA MET B 293 -3.34 -11.77 23.99
C MET B 293 -4.14 -10.47 23.84
N ALA B 294 -4.52 -9.86 24.95
CA ALA B 294 -5.33 -8.66 24.90
C ALA B 294 -4.51 -7.39 24.76
N GLY B 295 -5.09 -6.37 24.14
CA GLY B 295 -4.40 -5.11 24.00
C GLY B 295 -3.56 -4.97 22.77
N GLN B 296 -3.76 -5.85 21.81
CA GLN B 296 -2.92 -5.84 20.62
C GLN B 296 -3.60 -5.13 19.47
N ILE B 297 -4.86 -4.75 19.66
CA ILE B 297 -5.58 -4.00 18.64
C ILE B 297 -6.12 -2.75 19.30
N TYR B 298 -5.90 -1.60 18.68
CA TYR B 298 -6.36 -0.34 19.24
C TYR B 298 -7.80 -0.06 18.88
N ASP B 299 -8.38 -0.87 18.01
CA ASP B 299 -9.79 -0.72 17.69
C ASP B 299 -10.61 -1.12 18.91
N THR B 300 -11.75 -0.49 19.13
CA THR B 300 -12.50 -0.74 20.37
C THR B 300 -13.81 -1.50 20.26
N VAL B 301 -14.20 -2.17 21.35
CA VAL B 301 -15.46 -2.90 21.38
C VAL B 301 -16.30 -2.40 22.56
N SER B 302 -17.60 -2.63 22.52
CA SER B 302 -18.49 -2.17 23.60
C SER B 302 -19.51 -3.23 24.03
N LEU B 303 -19.67 -3.42 25.33
CA LEU B 303 -20.59 -4.43 25.84
C LEU B 303 -21.84 -3.82 26.47
N SER B 304 -23.00 -4.22 25.97
CA SER B 304 -24.26 -3.75 26.53
C SER B 304 -25.13 -4.94 26.84
N ALA B 305 -25.99 -4.80 27.84
CA ALA B 305 -26.89 -5.89 28.20
C ALA B 305 -28.31 -5.53 27.86
N GLN B 306 -29.00 -6.41 27.15
CA GLN B 306 -30.39 -6.17 26.82
C GLN B 306 -31.26 -7.32 27.30
N PRO B 307 -31.88 -7.16 28.48
CA PRO B 307 -32.75 -6.04 28.80
C PRO B 307 -31.99 -4.94 29.54
N GLY B 308 -31.22 -5.32 30.56
CA GLY B 308 -30.45 -4.34 31.30
C GLY B 308 -29.44 -4.93 32.25
N PRO B 309 -28.51 -4.11 32.72
CA PRO B 309 -27.54 -4.60 33.71
C PRO B 309 -28.28 -5.14 34.92
N THR B 310 -29.46 -4.60 35.19
CA THR B 310 -30.27 -5.10 36.31
C THR B 310 -31.39 -5.97 35.79
N VAL B 311 -31.53 -7.16 36.35
CA VAL B 311 -32.56 -8.12 35.93
C VAL B 311 -33.05 -9.02 37.04
N ALA B 312 -34.10 -9.79 36.76
CA ALA B 312 -34.61 -10.73 37.74
C ALA B 312 -34.47 -12.14 37.20
N SER B 313 -34.22 -13.10 38.09
CA SER B 313 -34.04 -14.48 37.66
C SER B 313 -35.25 -14.97 36.87
N GLY B 314 -35.01 -15.49 35.68
CA GLY B 314 -36.09 -15.97 34.84
C GLY B 314 -36.35 -15.16 33.59
N GLU B 315 -35.69 -14.02 33.46
CA GLU B 315 -35.85 -13.20 32.27
C GLU B 315 -34.87 -13.59 31.17
N ASN B 316 -34.88 -12.87 30.06
CA ASN B 316 -33.98 -13.16 28.96
C ASN B 316 -32.94 -12.06 28.77
N VAL B 317 -31.73 -12.29 29.26
CA VAL B 317 -30.67 -11.30 29.12
C VAL B 317 -29.82 -11.65 27.92
N THR B 318 -29.60 -10.70 27.03
CA THR B 318 -28.72 -10.96 25.90
C THR B 318 -27.64 -9.91 25.84
N LEU B 319 -26.43 -10.27 26.27
CA LEU B 319 -25.32 -9.34 26.21
C LEU B 319 -24.93 -9.10 24.77
N LEU B 320 -24.70 -7.85 24.41
CA LEU B 320 -24.35 -7.51 23.05
C LEU B 320 -22.98 -6.88 22.96
N CYS B 321 -22.06 -7.52 22.25
CA CYS B 321 -20.74 -6.93 22.06
C CYS B 321 -20.68 -6.34 20.68
N GLN B 322 -20.62 -5.02 20.58
CA GLN B 322 -20.65 -4.37 19.28
C GLN B 322 -19.46 -3.49 18.96
N SER B 323 -19.23 -3.24 17.68
CA SER B 323 -18.12 -2.40 17.26
C SER B 323 -18.32 -1.81 15.88
N TRP B 324 -17.87 -0.58 15.64
CA TRP B 324 -17.98 -0.01 14.30
C TRP B 324 -16.94 -0.64 13.38
N TRP B 325 -15.88 -1.20 13.93
CA TRP B 325 -14.89 -1.92 13.14
C TRP B 325 -15.35 -3.30 12.75
N GLN B 326 -14.85 -3.80 11.62
CA GLN B 326 -15.24 -5.12 11.13
C GLN B 326 -14.46 -6.22 11.80
N PHE B 327 -14.66 -6.40 13.11
CA PHE B 327 -13.99 -7.49 13.80
C PHE B 327 -14.62 -8.77 13.31
N ASP B 328 -13.79 -9.76 13.00
CA ASP B 328 -14.30 -11.02 12.50
C ASP B 328 -15.04 -11.80 13.57
N THR B 329 -14.52 -11.81 14.79
CA THR B 329 -15.18 -12.50 15.90
C THR B 329 -15.24 -11.65 17.16
N PHE B 330 -16.20 -11.94 18.03
CA PHE B 330 -16.28 -11.24 19.32
C PHE B 330 -16.22 -12.25 20.45
N LEU B 331 -15.37 -12.03 21.44
CA LEU B 331 -15.22 -12.96 22.55
C LEU B 331 -15.83 -12.41 23.84
N LEU B 332 -16.23 -13.29 24.75
CA LEU B 332 -16.80 -12.85 26.03
C LEU B 332 -16.13 -13.50 27.23
N THR B 333 -15.70 -12.68 28.17
CA THR B 333 -15.07 -13.20 29.39
C THR B 333 -15.84 -12.80 30.63
N LYS B 334 -15.87 -13.67 31.62
CA LYS B 334 -16.52 -13.34 32.87
C LYS B 334 -15.46 -13.36 33.96
N GLU B 335 -15.37 -12.27 34.73
CA GLU B 335 -14.33 -12.18 35.74
C GLU B 335 -14.49 -13.30 36.75
N GLY B 336 -13.44 -14.10 36.92
CA GLY B 336 -13.50 -15.22 37.84
C GLY B 336 -13.57 -16.56 37.16
N ALA B 337 -14.19 -16.62 35.99
CA ALA B 337 -14.29 -17.87 35.24
C ALA B 337 -12.97 -18.25 34.59
N ALA B 338 -12.59 -19.52 34.67
CA ALA B 338 -11.32 -19.98 34.11
C ALA B 338 -11.45 -20.57 32.71
N HIS B 339 -12.66 -20.96 32.32
CA HIS B 339 -12.89 -21.54 31.01
C HIS B 339 -12.55 -20.57 29.88
N PRO B 340 -12.10 -21.09 28.70
CA PRO B 340 -11.85 -20.14 27.60
C PRO B 340 -13.04 -19.25 27.22
N PRO B 341 -12.77 -18.05 26.70
CA PRO B 341 -13.84 -17.12 26.34
C PRO B 341 -14.82 -17.63 25.29
N LEU B 342 -16.08 -17.22 25.37
CA LEU B 342 -17.09 -17.61 24.39
C LEU B 342 -16.87 -16.85 23.09
N ARG B 343 -16.41 -17.54 22.06
CA ARG B 343 -16.10 -16.89 20.79
C ARG B 343 -17.21 -17.02 19.78
N LEU B 344 -17.81 -15.90 19.36
CA LEU B 344 -18.88 -15.93 18.37
C LEU B 344 -18.57 -14.98 17.23
N ARG B 345 -19.03 -15.31 16.02
CA ARG B 345 -18.74 -14.49 14.85
C ARG B 345 -19.54 -13.20 14.80
N SER B 346 -19.02 -12.22 14.07
CA SER B 346 -19.68 -10.92 13.98
C SER B 346 -20.86 -10.91 13.03
N MET B 347 -21.78 -9.98 13.24
CA MET B 347 -22.95 -9.86 12.39
C MET B 347 -23.29 -8.40 12.21
N TYR B 348 -23.20 -7.91 10.97
CA TYR B 348 -23.49 -6.51 10.70
C TYR B 348 -24.94 -6.17 10.96
N GLY B 349 -25.18 -5.24 11.87
CA GLY B 349 -26.55 -4.84 12.18
C GLY B 349 -26.78 -3.39 11.77
N ALA B 350 -27.10 -2.54 12.74
CA ALA B 350 -27.34 -1.12 12.46
C ALA B 350 -26.03 -0.35 12.49
N HIS B 351 -25.26 -0.39 11.39
CA HIS B 351 -23.96 0.32 11.30
C HIS B 351 -22.85 -0.25 12.18
N LYS B 352 -23.20 -1.14 13.12
CA LYS B 352 -22.22 -1.72 14.02
C LYS B 352 -22.23 -3.23 13.93
N TYR B 353 -21.06 -3.84 13.76
CA TYR B 353 -20.96 -5.30 13.73
C TYR B 353 -21.12 -5.78 15.15
N GLN B 354 -21.86 -6.86 15.36
CA GLN B 354 -22.14 -7.29 16.71
C GLN B 354 -22.23 -8.78 16.93
N ALA B 355 -22.25 -9.20 18.19
CA ALA B 355 -22.42 -10.61 18.52
C ALA B 355 -23.29 -10.67 19.76
N GLU B 356 -24.38 -11.42 19.68
CA GLU B 356 -25.28 -11.53 20.82
C GLU B 356 -24.94 -12.75 21.62
N PHE B 357 -24.71 -12.57 22.92
CA PHE B 357 -24.41 -13.69 23.79
C PHE B 357 -25.64 -13.95 24.63
N PRO B 358 -26.49 -14.88 24.19
CA PRO B 358 -27.76 -15.11 24.90
C PRO B 358 -27.60 -15.77 26.25
N MET B 359 -28.30 -15.27 27.26
CA MET B 359 -28.19 -15.81 28.60
C MET B 359 -29.55 -16.06 29.21
N SER B 360 -30.43 -16.69 28.45
CA SER B 360 -31.77 -16.96 28.93
C SER B 360 -31.93 -18.42 29.33
N PRO B 361 -32.96 -18.71 30.13
CA PRO B 361 -33.29 -17.88 31.29
C PRO B 361 -32.06 -17.63 32.16
N VAL B 362 -32.03 -16.48 32.83
CA VAL B 362 -30.89 -16.14 33.66
C VAL B 362 -31.07 -16.72 35.06
N THR B 363 -29.97 -17.10 35.69
CA THR B 363 -30.05 -17.68 37.03
C THR B 363 -29.15 -16.91 37.98
N SER B 364 -29.06 -17.36 39.22
CA SER B 364 -28.20 -16.71 40.20
C SER B 364 -26.73 -16.83 39.80
N ALA B 365 -26.40 -17.86 39.04
CA ALA B 365 -25.02 -18.07 38.60
C ALA B 365 -24.56 -17.08 37.55
N HIS B 366 -25.48 -16.58 36.72
CA HIS B 366 -25.11 -15.68 35.64
C HIS B 366 -24.59 -14.32 36.10
N ALA B 367 -24.69 -14.03 37.39
CA ALA B 367 -24.27 -12.72 37.89
C ALA B 367 -22.76 -12.57 37.92
N GLY B 368 -22.28 -11.38 37.59
CA GLY B 368 -20.84 -11.12 37.63
C GLY B 368 -20.36 -10.04 36.68
N THR B 369 -19.06 -9.80 36.69
CA THR B 369 -18.49 -8.78 35.81
C THR B 369 -18.15 -9.38 34.46
N TYR B 370 -18.63 -8.76 33.38
CA TYR B 370 -18.38 -9.28 32.05
C TYR B 370 -17.64 -8.28 31.17
N ARG B 371 -16.69 -8.76 30.37
CA ARG B 371 -15.98 -7.90 29.45
C ARG B 371 -15.91 -8.60 28.11
N CYS B 372 -15.99 -7.84 27.03
CA CYS B 372 -15.93 -8.43 25.71
C CYS B 372 -14.72 -7.95 24.91
N TYR B 373 -14.22 -8.80 24.03
CA TYR B 373 -13.07 -8.46 23.21
C TYR B 373 -13.42 -8.66 21.76
N GLY B 374 -12.51 -8.34 20.88
CA GLY B 374 -12.74 -8.53 19.47
C GLY B 374 -11.44 -8.87 18.80
N SER B 375 -11.50 -9.73 17.79
CA SER B 375 -10.30 -10.11 17.07
C SER B 375 -10.52 -10.31 15.59
N TYR B 376 -9.42 -10.40 14.84
CA TYR B 376 -9.51 -10.63 13.41
C TYR B 376 -9.01 -12.04 13.12
N SER B 377 -9.40 -12.60 11.98
CA SER B 377 -8.99 -13.96 11.61
C SER B 377 -7.56 -14.01 11.10
N SER B 378 -6.95 -12.85 10.90
CA SER B 378 -5.55 -12.83 10.51
C SER B 378 -4.78 -13.46 11.64
N ASN B 379 -4.97 -12.95 12.85
CA ASN B 379 -4.35 -13.59 14.02
C ASN B 379 -5.46 -13.69 15.05
N PRO B 380 -6.04 -14.89 15.19
CA PRO B 380 -7.16 -15.08 16.11
C PRO B 380 -6.79 -15.03 17.59
N HIS B 381 -5.51 -14.80 17.91
CA HIS B 381 -5.06 -14.80 19.29
C HIS B 381 -4.70 -13.41 19.76
N LEU B 382 -4.60 -12.46 18.83
CA LEU B 382 -4.33 -11.08 19.20
C LEU B 382 -5.67 -10.37 19.33
N LEU B 383 -6.09 -10.11 20.57
CA LEU B 383 -7.39 -9.50 20.80
C LEU B 383 -7.27 -8.01 21.04
N SER B 384 -8.41 -7.36 21.22
CA SER B 384 -8.42 -5.92 21.48
C SER B 384 -8.32 -5.65 22.95
N PHE B 385 -8.40 -4.38 23.33
CA PHE B 385 -8.43 -4.03 24.73
C PHE B 385 -9.80 -4.38 25.25
N PRO B 386 -9.92 -4.70 26.53
CA PRO B 386 -11.23 -5.13 27.04
C PRO B 386 -12.26 -4.04 26.99
N SER B 387 -13.53 -4.42 26.90
CA SER B 387 -14.59 -3.43 26.94
C SER B 387 -14.77 -2.97 28.38
N GLU B 388 -15.51 -1.89 28.58
CA GLU B 388 -15.78 -1.44 29.93
C GLU B 388 -16.60 -2.51 30.65
N PRO B 389 -16.19 -2.89 31.89
CA PRO B 389 -16.94 -4.00 32.52
C PRO B 389 -18.44 -3.82 32.62
N LEU B 390 -19.18 -4.92 32.58
CA LEU B 390 -20.63 -4.85 32.76
C LEU B 390 -21.00 -5.78 33.89
N GLU B 391 -21.56 -5.23 34.96
CA GLU B 391 -21.91 -6.05 36.11
C GLU B 391 -23.37 -6.49 36.06
N LEU B 392 -23.61 -7.69 35.56
CA LEU B 392 -24.97 -8.21 35.51
C LEU B 392 -25.42 -8.53 36.92
N MET B 393 -26.58 -8.02 37.31
CA MET B 393 -27.10 -8.28 38.65
C MET B 393 -28.46 -8.95 38.57
N VAL B 394 -28.51 -10.22 38.94
CA VAL B 394 -29.78 -10.94 38.93
C VAL B 394 -30.43 -10.94 40.31
N SER B 395 -31.75 -11.01 40.34
CA SER B 395 -32.46 -10.99 41.62
C SER B 395 -33.50 -12.10 41.72
N GLY B 396 -33.50 -12.83 42.83
CA GLY B 396 -34.46 -13.90 43.03
C GLY B 396 -35.89 -13.41 43.07
N GLY C 1 -9.99 11.59 36.19
CA GLY C 1 -10.52 12.05 34.93
C GLY C 1 -10.95 10.91 34.04
N GLN C 2 -10.96 9.70 34.62
CA GLN C 2 -11.30 8.51 33.84
C GLN C 2 -12.54 8.68 32.99
N ARG C 3 -13.65 9.21 33.50
CA ARG C 3 -14.88 9.28 32.72
C ARG C 3 -14.79 10.14 31.44
N TRP C 4 -14.34 11.37 31.61
CA TRP C 4 -14.23 12.26 30.45
C TRP C 4 -13.19 11.70 29.51
N GLU C 5 -12.11 11.13 30.03
CA GLU C 5 -11.07 10.53 29.20
C GLU C 5 -11.62 9.35 28.43
N LEU C 6 -12.46 8.53 29.05
CA LEU C 6 -13.10 7.42 28.33
C LEU C 6 -13.99 7.94 27.21
N ALA C 7 -14.80 8.96 27.43
CA ALA C 7 -15.60 9.52 26.33
C ALA C 7 -14.71 10.03 25.21
N LEU C 8 -13.63 10.71 25.59
CA LEU C 8 -12.71 11.21 24.61
C LEU C 8 -12.18 10.05 23.80
N GLY C 9 -11.90 8.93 24.46
CA GLY C 9 -11.39 7.76 23.77
C GLY C 9 -12.34 7.25 22.71
N ARG C 10 -13.62 7.17 23.04
CA ARG C 10 -14.62 6.74 22.07
C ARG C 10 -14.64 7.66 20.87
N PHE C 11 -14.66 8.98 21.10
CA PHE C 11 -14.62 9.93 20.00
C PHE C 11 -13.44 9.64 19.12
N TRP C 12 -12.25 9.52 19.72
CA TRP C 12 -11.02 9.28 18.96
C TRP C 12 -11.08 8.03 18.08
N ASP C 13 -11.60 6.94 18.60
CA ASP C 13 -11.68 5.70 17.84
C ASP C 13 -12.67 5.79 16.67
N TYR C 14 -13.79 6.46 16.88
CA TYR C 14 -14.73 6.67 15.78
C TYR C 14 -14.08 7.54 14.73
N LEU C 15 -13.29 8.51 15.17
CA LEU C 15 -12.58 9.35 14.23
C LEU C 15 -11.57 8.56 13.42
N ARG C 16 -10.87 7.60 14.03
CA ARG C 16 -9.96 6.73 13.28
C ARG C 16 -10.71 5.86 12.28
N TRP C 17 -11.88 5.37 12.67
CA TRP C 17 -12.70 4.61 11.75
C TRP C 17 -13.00 5.46 10.52
N VAL C 18 -13.41 6.71 10.74
CA VAL C 18 -13.68 7.61 9.63
C VAL C 18 -12.42 7.90 8.84
N GLN C 19 -11.28 8.03 9.50
CA GLN C 19 -10.01 8.29 8.84
C GLN C 19 -9.68 7.25 7.79
N THR C 20 -10.06 5.99 8.01
CA THR C 20 -9.81 4.94 7.03
C THR C 20 -10.49 5.24 5.70
N LEU C 21 -11.64 5.91 5.73
CA LEU C 21 -12.39 6.25 4.52
C LEU C 21 -12.70 5.06 3.66
N SER C 22 -13.13 3.96 4.27
CA SER C 22 -13.52 2.78 3.50
C SER C 22 -14.92 2.98 2.92
N GLU C 23 -15.36 2.08 2.06
CA GLU C 23 -16.65 2.26 1.39
C GLU C 23 -17.83 2.45 2.35
N GLN C 24 -17.82 1.77 3.50
CA GLN C 24 -18.88 1.97 4.48
C GLN C 24 -18.86 3.40 5.01
N VAL C 25 -17.68 3.88 5.40
CA VAL C 25 -17.56 5.24 5.88
C VAL C 25 -18.00 6.20 4.80
N GLN C 26 -17.54 5.99 3.57
CA GLN C 26 -17.86 6.88 2.45
C GLN C 26 -19.36 7.06 2.28
N GLU C 27 -20.11 5.97 2.39
CA GLU C 27 -21.56 6.04 2.22
C GLU C 27 -22.24 6.69 3.43
N GLU C 28 -21.71 6.46 4.62
CA GLU C 28 -22.27 7.09 5.81
C GLU C 28 -21.96 8.57 5.86
N LEU C 29 -20.88 8.99 5.21
CA LEU C 29 -20.47 10.39 5.23
C LEU C 29 -21.37 11.27 4.39
N LEU C 30 -22.22 10.66 3.59
CA LEU C 30 -23.14 11.41 2.75
C LEU C 30 -24.55 11.36 3.31
N SER C 31 -24.71 10.79 4.49
CA SER C 31 -26.04 10.63 5.09
C SER C 31 -26.15 11.23 6.50
N SER C 32 -25.15 12.01 6.93
CA SER C 32 -25.16 12.68 8.27
C SER C 32 -24.99 11.79 9.51
N GLN C 33 -25.10 10.47 9.35
CA GLN C 33 -24.98 9.55 10.48
C GLN C 33 -23.67 9.77 11.21
N VAL C 34 -22.56 9.74 10.49
CA VAL C 34 -21.24 9.92 11.11
C VAL C 34 -21.17 11.21 11.88
N THR C 35 -21.58 12.31 11.26
CA THR C 35 -21.46 13.61 11.92
C THR C 35 -22.27 13.66 13.21
N GLN C 36 -23.50 13.16 13.18
CA GLN C 36 -24.34 13.14 14.39
C GLN C 36 -23.75 12.25 15.49
N GLU C 37 -23.18 11.12 15.12
CA GLU C 37 -22.54 10.25 16.10
C GLU C 37 -21.39 10.99 16.76
N LEU C 38 -20.59 11.69 15.97
CA LEU C 38 -19.46 12.42 16.53
C LEU C 38 -19.99 13.51 17.44
N ARG C 39 -21.06 14.17 17.05
CA ARG C 39 -21.63 15.21 17.90
C ARG C 39 -22.08 14.62 19.23
N ALA C 40 -22.72 13.47 19.22
CA ALA C 40 -23.11 12.82 20.46
C ALA C 40 -21.89 12.53 21.31
N LEU C 41 -20.86 11.93 20.71
CA LEU C 41 -19.67 11.56 21.47
C LEU C 41 -18.95 12.78 22.08
N MET C 42 -18.94 13.92 21.38
CA MET C 42 -18.31 15.13 21.92
C MET C 42 -19.16 15.85 22.96
N ASP C 43 -20.48 15.71 22.90
CA ASP C 43 -21.32 16.30 23.91
C ASP C 43 -21.07 15.59 25.22
N GLU C 44 -20.98 14.26 25.17
CA GLU C 44 -20.70 13.48 26.36
C GLU C 44 -19.37 13.86 26.96
N THR C 45 -18.35 14.02 26.12
CA THR C 45 -17.02 14.39 26.60
C THR C 45 -17.07 15.71 27.33
N MET C 46 -17.78 16.68 26.77
CA MET C 46 -17.83 18.00 27.37
C MET C 46 -18.62 18.01 28.67
N LYS C 47 -19.75 17.33 28.70
CA LYS C 47 -20.53 17.23 29.94
C LYS C 47 -19.69 16.61 31.04
N GLU C 48 -19.07 15.46 30.75
CA GLU C 48 -18.27 14.77 31.75
C GLU C 48 -17.09 15.63 32.20
N LEU C 49 -16.47 16.34 31.28
CA LEU C 49 -15.35 17.21 31.63
C LEU C 49 -15.78 18.25 32.64
N LYS C 50 -16.91 18.90 32.38
CA LYS C 50 -17.43 19.91 33.30
C LYS C 50 -17.76 19.29 34.64
N ALA C 51 -18.35 18.10 34.65
CA ALA C 51 -18.64 17.42 35.90
C ALA C 51 -17.37 17.17 36.70
N TYR C 52 -16.31 16.70 36.05
CA TYR C 52 -15.04 16.45 36.73
C TYR C 52 -14.44 17.73 37.26
N LYS C 53 -14.56 18.81 36.50
CA LYS C 53 -14.05 20.10 36.98
C LYS C 53 -14.80 20.48 38.24
N SER C 54 -16.12 20.34 38.23
CA SER C 54 -16.92 20.73 39.39
C SER C 54 -16.55 19.91 40.62
N GLU C 55 -16.36 18.61 40.46
CA GLU C 55 -16.06 17.78 41.63
C GLU C 55 -14.65 18.03 42.15
N LEU C 56 -13.72 18.39 41.26
CA LEU C 56 -12.36 18.69 41.66
C LEU C 56 -12.37 20.00 42.42
N GLU C 57 -13.20 20.93 41.98
CA GLU C 57 -13.31 22.22 42.66
C GLU C 57 -13.78 22.06 44.08
N GLU C 58 -14.50 20.97 44.38
CA GLU C 58 -14.87 20.79 45.79
C GLU C 58 -13.66 20.36 46.60
N GLN C 59 -12.83 19.50 46.03
CA GLN C 59 -11.65 19.00 46.74
C GLN C 59 -10.62 20.08 47.06
N LEU C 60 -10.60 21.15 46.27
CA LEU C 60 -9.62 22.22 46.48
C LEU C 60 -9.66 22.78 47.89
N THR C 61 -8.49 22.95 48.49
CA THR C 61 -8.42 23.49 49.85
C THR C 61 -7.33 24.55 49.95
N ALA C 64 -2.87 31.52 45.99
CA ALA C 64 -3.93 32.23 46.71
C ALA C 64 -5.17 32.38 45.82
N GLU C 65 -5.94 33.42 46.11
CA GLU C 65 -7.18 33.64 45.37
C GLU C 65 -6.87 33.97 43.93
N GLU C 66 -5.94 34.90 43.71
CA GLU C 66 -5.56 35.27 42.35
C GLU C 66 -4.97 34.07 41.62
N THR C 67 -4.14 33.28 42.30
CA THR C 67 -3.55 32.09 41.69
C THR C 67 -4.64 31.11 41.30
N ARG C 68 -5.60 30.91 42.20
CA ARG C 68 -6.70 29.99 41.92
C ARG C 68 -7.53 30.49 40.74
N ALA C 69 -7.82 31.79 40.73
CA ALA C 69 -8.58 32.36 39.62
C ALA C 69 -7.85 32.13 38.31
N ARG C 70 -6.54 32.39 38.29
CA ARG C 70 -5.74 32.16 37.09
C ARG C 70 -5.85 30.71 36.62
N LEU C 71 -5.71 29.78 37.56
CA LEU C 71 -5.79 28.36 37.22
C LEU C 71 -7.15 28.00 36.63
N SER C 72 -8.22 28.52 37.22
CA SER C 72 -9.56 28.23 36.72
C SER C 72 -9.71 28.79 35.32
N LYS C 73 -9.19 29.99 35.08
CA LYS C 73 -9.22 30.59 33.75
C LYS C 73 -8.50 29.68 32.75
N GLU C 74 -7.32 29.20 33.11
CA GLU C 74 -6.57 28.33 32.22
C GLU C 74 -7.36 27.05 31.91
N LEU C 75 -7.98 26.47 32.93
CA LEU C 75 -8.76 25.26 32.73
C LEU C 75 -9.88 25.54 31.74
N GLN C 76 -10.59 26.66 31.93
CA GLN C 76 -11.68 27.00 31.04
C GLN C 76 -11.16 27.15 29.61
N ALA C 77 -10.03 27.81 29.45
CA ALA C 77 -9.44 27.99 28.13
C ALA C 77 -9.14 26.66 27.46
N ALA C 78 -8.51 25.74 28.18
CA ALA C 78 -8.23 24.42 27.62
C ALA C 78 -9.52 23.68 27.23
N GLN C 79 -10.55 23.70 28.07
CA GLN C 79 -11.81 23.05 27.73
C GLN C 79 -12.36 23.58 26.42
N ALA C 80 -12.39 24.90 26.32
CA ALA C 80 -12.88 25.53 25.11
C ALA C 80 -12.11 25.06 23.89
N ARG C 81 -10.79 24.95 24.00
CA ARG C 81 -9.97 24.49 22.88
C ARG C 81 -10.38 23.11 22.39
N LEU C 82 -10.53 22.16 23.31
CA LEU C 82 -10.97 20.82 22.93
C LEU C 82 -12.33 20.86 22.24
N GLY C 83 -13.24 21.64 22.83
CA GLY C 83 -14.55 21.76 22.19
C GLY C 83 -14.41 22.24 20.77
N ALA C 84 -13.66 23.33 20.55
CA ALA C 84 -13.47 23.89 19.23
C ALA C 84 -12.87 22.90 18.27
N ASP C 85 -11.91 22.08 18.72
CA ASP C 85 -11.27 21.10 17.84
C ASP C 85 -12.23 20.04 17.30
N MET C 86 -13.05 19.49 18.19
CA MET C 86 -14.03 18.49 17.77
C MET C 86 -15.08 19.13 16.86
N GLU C 87 -15.47 20.36 17.16
CA GLU C 87 -16.39 21.07 16.29
C GLU C 87 -15.78 21.21 14.93
N ASP C 88 -14.49 21.54 14.86
CA ASP C 88 -13.78 21.65 13.60
C ASP C 88 -13.82 20.35 12.84
N VAL C 89 -13.50 19.24 13.49
CA VAL C 89 -13.61 17.93 12.83
C VAL C 89 -14.99 17.73 12.21
N ARG C 90 -16.02 17.98 13.01
CA ARG C 90 -17.38 17.75 12.49
C ARG C 90 -17.74 18.67 11.33
N GLY C 91 -17.30 19.93 11.37
CA GLY C 91 -17.55 20.86 10.27
C GLY C 91 -16.84 20.44 9.01
N ARG C 92 -15.62 19.94 9.16
CA ARG C 92 -14.89 19.44 8.00
C ARG C 92 -15.62 18.25 7.41
N LEU C 93 -16.21 17.40 8.25
CA LEU C 93 -17.01 16.30 7.70
C LEU C 93 -18.31 16.76 6.99
N VAL C 94 -18.99 17.79 7.47
CA VAL C 94 -20.18 18.35 6.80
C VAL C 94 -19.77 18.99 5.47
N GLN C 95 -18.62 19.65 5.44
CA GLN C 95 -18.12 20.28 4.21
C GLN C 95 -17.82 19.23 3.16
N TYR C 96 -17.26 18.10 3.55
CA TYR C 96 -17.05 17.00 2.60
C TYR C 96 -18.37 16.56 2.01
N ARG C 97 -19.39 16.36 2.83
CA ARG C 97 -20.69 16.02 2.27
C ARG C 97 -21.10 17.04 1.22
N GLY C 98 -21.05 18.33 1.56
CA GLY C 98 -21.42 19.39 0.62
C GLY C 98 -20.63 19.38 -0.66
N GLU C 99 -19.32 19.19 -0.58
CA GLU C 99 -18.49 19.10 -1.77
C GLU C 99 -18.91 17.95 -2.67
N VAL C 100 -19.14 16.78 -2.10
CA VAL C 100 -19.59 15.63 -2.90
C VAL C 100 -20.94 15.93 -3.54
N GLN C 101 -21.81 16.62 -2.84
CA GLN C 101 -23.10 17.01 -3.42
C GLN C 101 -22.95 18.05 -4.56
N ALA C 102 -22.07 19.02 -4.36
CA ALA C 102 -21.82 20.03 -5.40
C ALA C 102 -21.13 19.35 -6.56
N MET C 103 -20.54 18.18 -6.30
CA MET C 103 -19.91 17.43 -7.37
C MET C 103 -20.93 16.48 -7.96
N LEU C 104 -22.21 16.78 -7.73
CA LEU C 104 -23.28 15.94 -8.25
C LEU C 104 -23.17 14.51 -7.77
N GLY C 105 -22.79 14.34 -6.51
CA GLY C 105 -22.73 12.99 -5.95
C GLY C 105 -21.47 12.21 -6.23
N GLN C 106 -20.47 12.87 -6.80
CA GLN C 106 -19.24 12.16 -7.17
C GLN C 106 -18.08 12.50 -6.26
N SER C 107 -17.50 11.48 -5.63
CA SER C 107 -16.35 11.69 -4.76
C SER C 107 -15.08 11.21 -5.42
N THR C 108 -14.22 12.14 -5.80
CA THR C 108 -12.96 11.79 -6.44
C THR C 108 -11.96 11.32 -5.39
N GLU C 109 -10.93 10.61 -5.83
CA GLU C 109 -9.89 10.16 -4.93
C GLU C 109 -9.16 11.36 -4.40
N GLU C 110 -8.96 12.38 -5.22
CA GLU C 110 -8.31 13.61 -4.79
C GLU C 110 -9.05 14.24 -3.64
N LEU C 111 -10.36 14.38 -3.77
CA LEU C 111 -11.17 14.94 -2.70
C LEU C 111 -10.92 14.17 -1.41
N ARG C 112 -11.01 12.85 -1.48
CA ARG C 112 -10.82 12.03 -0.28
C ARG C 112 -9.41 12.12 0.29
N VAL C 113 -8.40 12.20 -0.56
CA VAL C 113 -7.02 12.38 -0.08
C VAL C 113 -6.93 13.68 0.72
N ARG C 114 -7.49 14.74 0.19
CA ARG C 114 -7.49 16.02 0.88
C ARG C 114 -8.23 15.91 2.21
N LEU C 115 -9.38 15.25 2.21
CA LEU C 115 -10.13 15.06 3.45
C LEU C 115 -9.25 14.38 4.48
N ALA C 116 -8.57 13.30 4.09
CA ALA C 116 -7.72 12.55 5.01
C ALA C 116 -6.61 13.42 5.55
N SER C 117 -5.97 14.18 4.68
CA SER C 117 -4.91 15.09 5.11
C SER C 117 -5.40 16.05 6.16
N HIS C 118 -6.56 16.67 5.91
CA HIS C 118 -7.11 17.63 6.85
C HIS C 118 -7.50 17.00 8.17
N LEU C 119 -8.03 15.77 8.11
CA LEU C 119 -8.44 15.06 9.32
C LEU C 119 -7.25 14.73 10.19
N ARG C 120 -6.16 14.28 9.60
CA ARG C 120 -4.93 14.05 10.37
C ARG C 120 -4.44 15.34 11.03
N LYS C 121 -4.54 16.46 10.34
CA LYS C 121 -4.14 17.75 10.94
C LYS C 121 -5.03 18.17 12.10
N LEU C 122 -6.33 17.87 12.03
CA LEU C 122 -7.26 18.20 13.12
C LEU C 122 -7.10 17.23 14.28
N ARG C 123 -6.71 16.00 13.99
CA ARG C 123 -6.44 15.00 15.04
C ARG C 123 -5.21 15.36 15.88
N LYS C 124 -4.13 15.83 15.27
CA LYS C 124 -2.95 16.27 16.03
C LYS C 124 -3.28 17.38 17.00
N ARG C 125 -4.00 18.39 16.54
CA ARG C 125 -4.39 19.49 17.40
C ARG C 125 -5.19 18.97 18.57
N LEU C 126 -6.15 18.11 18.29
CA LEU C 126 -6.98 17.55 19.35
C LEU C 126 -6.10 16.87 20.38
N LEU C 127 -5.16 16.04 19.96
CA LEU C 127 -4.25 15.37 20.88
C LEU C 127 -3.49 16.34 21.79
N ARG C 128 -2.85 17.34 21.19
CA ARG C 128 -2.09 18.32 21.97
C ARG C 128 -2.96 19.02 23.00
N ASP C 129 -4.11 19.49 22.57
CA ASP C 129 -5.01 20.19 23.47
C ASP C 129 -5.47 19.28 24.59
N ALA C 130 -5.78 18.02 24.27
CA ALA C 130 -6.18 17.06 25.29
C ALA C 130 -5.08 16.89 26.32
N ASP C 131 -3.85 16.73 25.86
CA ASP C 131 -2.72 16.60 26.78
C ASP C 131 -2.62 17.82 27.70
N ASP C 132 -2.72 18.99 27.10
CA ASP C 132 -2.61 20.21 27.91
C ASP C 132 -3.70 20.24 28.95
N LEU C 133 -4.92 19.89 28.56
CA LEU C 133 -6.05 19.88 29.50
C LEU C 133 -5.79 18.92 30.64
N GLN C 134 -5.32 17.72 30.33
CA GLN C 134 -4.99 16.76 31.37
C GLN C 134 -3.95 17.34 32.34
N LYS C 135 -2.89 17.93 31.82
CA LYS C 135 -1.86 18.54 32.68
C LYS C 135 -2.44 19.65 33.57
N ARG C 136 -3.32 20.47 33.01
CA ARG C 136 -3.94 21.54 33.79
C ARG C 136 -4.82 20.97 34.89
N LEU C 137 -5.57 19.91 34.60
CA LEU C 137 -6.39 19.29 35.61
C LEU C 137 -5.49 18.75 36.70
N ALA C 138 -4.34 18.20 36.32
CA ALA C 138 -3.38 17.70 37.30
C ALA C 138 -2.91 18.82 38.22
N VAL C 139 -2.51 19.96 37.64
CA VAL C 139 -1.99 21.05 38.49
C VAL C 139 -3.12 21.71 39.31
N TYR C 140 -4.37 21.49 38.91
CA TYR C 140 -5.50 22.06 39.63
C TYR C 140 -5.83 21.22 40.86
N PRO D 1 -26.73 69.03 14.75
CA PRO D 1 -25.42 68.44 14.48
C PRO D 1 -24.93 68.75 13.06
N PHE D 2 -23.62 68.94 12.92
CA PHE D 2 -23.05 69.15 11.61
C PHE D 2 -23.13 67.84 10.81
N PRO D 3 -23.10 67.89 9.48
CA PRO D 3 -23.10 66.66 8.70
C PRO D 3 -21.89 65.80 9.04
N LYS D 4 -22.15 64.54 9.39
CA LYS D 4 -21.08 63.64 9.79
C LYS D 4 -20.09 63.50 8.65
N PRO D 5 -18.76 63.54 8.93
CA PRO D 5 -17.86 63.44 7.76
C PRO D 5 -17.93 62.14 6.97
N THR D 6 -17.36 62.13 5.77
CA THR D 6 -17.32 60.91 4.96
C THR D 6 -15.88 60.45 4.77
N LEU D 7 -15.68 59.15 4.59
CA LEU D 7 -14.32 58.63 4.46
C LEU D 7 -14.15 57.72 3.25
N TRP D 8 -13.16 58.00 2.41
CA TRP D 8 -12.88 57.15 1.26
C TRP D 8 -11.39 57.07 0.95
N ALA D 9 -10.96 55.92 0.43
CA ALA D 9 -9.55 55.72 0.14
C ALA D 9 -9.33 55.43 -1.33
N GLU D 10 -8.37 56.14 -1.94
CA GLU D 10 -8.04 55.90 -3.33
C GLU D 10 -6.60 55.41 -3.41
N PRO D 11 -6.38 54.31 -4.16
CA PRO D 11 -7.29 53.83 -5.20
C PRO D 11 -8.41 52.96 -4.64
N GLY D 12 -8.21 52.36 -3.47
CA GLY D 12 -9.22 51.50 -2.89
C GLY D 12 -8.94 51.10 -1.46
N SER D 13 -9.83 50.26 -0.89
CA SER D 13 -9.65 49.80 0.48
C SER D 13 -8.63 48.69 0.50
N VAL D 14 -8.71 47.79 -0.46
CA VAL D 14 -7.73 46.71 -0.56
C VAL D 14 -6.46 47.20 -1.26
N ILE D 15 -5.36 47.33 -0.51
CA ILE D 15 -4.12 47.81 -1.08
C ILE D 15 -3.01 46.79 -0.86
N SER D 16 -2.22 46.49 -1.88
CA SER D 16 -1.18 45.48 -1.76
C SER D 16 -0.03 45.89 -0.86
N TRP D 17 0.78 44.92 -0.45
CA TRP D 17 1.92 45.21 0.43
C TRP D 17 2.94 46.08 -0.27
N GLY D 18 3.08 47.32 0.18
CA GLY D 18 4.05 48.23 -0.42
C GLY D 18 3.43 49.30 -1.29
N SER D 19 2.31 48.99 -1.93
CA SER D 19 1.63 49.96 -2.79
C SER D 19 1.16 51.17 -1.99
N PRO D 20 1.28 52.37 -2.57
CA PRO D 20 0.87 53.60 -1.86
C PRO D 20 -0.65 53.80 -1.79
N VAL D 21 -1.12 54.46 -0.73
CA VAL D 21 -2.55 54.68 -0.57
C VAL D 21 -2.83 55.98 0.18
N THR D 22 -3.81 56.76 -0.30
CA THR D 22 -4.18 57.99 0.39
C THR D 22 -5.65 57.97 0.81
N ILE D 23 -5.91 58.26 2.08
CA ILE D 23 -7.29 58.28 2.59
C ILE D 23 -7.81 59.71 2.64
N TRP D 24 -9.05 59.92 2.21
CA TRP D 24 -9.63 61.25 2.19
C TRP D 24 -10.81 61.41 3.12
N CYS D 25 -10.94 62.59 3.71
CA CYS D 25 -12.07 62.85 4.60
C CYS D 25 -12.76 64.15 4.22
N GLN D 26 -14.09 64.13 4.15
CA GLN D 26 -14.84 65.32 3.77
C GLN D 26 -15.75 65.79 4.90
N GLY D 27 -15.57 67.04 5.32
CA GLY D 27 -16.39 67.57 6.40
C GLY D 27 -17.20 68.79 6.02
N SER D 28 -17.27 69.77 6.92
CA SER D 28 -18.02 70.98 6.63
C SER D 28 -17.13 71.97 5.88
N LEU D 29 -17.77 73.02 5.34
CA LEU D 29 -17.04 74.04 4.60
C LEU D 29 -16.16 74.91 5.48
N GLU D 30 -16.60 75.17 6.72
CA GLU D 30 -15.83 75.99 7.64
C GLU D 30 -14.96 75.18 8.60
N ALA D 31 -14.75 73.90 8.29
CA ALA D 31 -13.99 73.02 9.19
C ALA D 31 -12.60 73.57 9.54
N GLN D 32 -12.18 73.43 10.79
CA GLN D 32 -10.90 73.97 11.22
C GLN D 32 -9.75 72.95 11.21
N GLU D 33 -10.01 71.73 11.69
CA GLU D 33 -8.95 70.72 11.76
C GLU D 33 -9.50 69.31 11.62
N TYR D 34 -8.91 68.51 10.75
CA TYR D 34 -9.38 67.14 10.52
C TYR D 34 -8.53 66.14 11.27
N ARG D 35 -9.16 65.19 11.94
CA ARG D 35 -8.42 64.21 12.71
C ARG D 35 -8.81 62.78 12.31
N LEU D 36 -7.83 62.00 11.89
CA LEU D 36 -8.09 60.62 11.47
C LEU D 36 -7.60 59.64 12.52
N ASP D 37 -8.53 58.98 13.20
CA ASP D 37 -8.17 58.03 14.25
C ASP D 37 -8.19 56.60 13.76
N LYS D 38 -7.58 55.69 14.50
CA LYS D 38 -7.57 54.29 14.10
C LYS D 38 -7.99 53.40 15.25
N GLU D 39 -8.96 52.52 15.00
CA GLU D 39 -9.38 51.61 16.03
C GLU D 39 -8.15 50.88 16.54
N GLY D 40 -7.87 51.01 17.83
CA GLY D 40 -6.69 50.38 18.39
C GLY D 40 -5.55 51.36 18.64
N SER D 41 -5.30 52.26 17.70
CA SER D 41 -4.19 53.19 17.84
C SER D 41 -4.68 54.61 18.07
N PRO D 42 -4.42 55.15 19.28
CA PRO D 42 -4.85 56.52 19.60
C PRO D 42 -4.20 57.54 18.67
N GLU D 43 -2.94 57.33 18.31
CA GLU D 43 -2.23 58.25 17.44
C GLU D 43 -2.96 58.51 16.13
N PRO D 44 -3.19 59.80 15.78
CA PRO D 44 -3.88 59.94 14.48
C PRO D 44 -2.98 59.62 13.30
N LEU D 45 -3.55 58.97 12.28
CA LEU D 45 -2.77 58.66 11.10
C LEU D 45 -2.33 59.93 10.40
N ASP D 46 -1.03 60.06 10.14
CA ASP D 46 -0.48 61.23 9.47
C ASP D 46 -0.91 62.54 10.14
N ARG D 47 -1.45 63.47 9.37
CA ARG D 47 -1.87 64.76 9.92
C ARG D 47 -2.98 64.58 10.96
N LYS D 54 -10.56 73.36 2.69
CA LYS D 54 -11.20 73.45 4.00
C LYS D 54 -12.20 72.31 4.20
N ASN D 55 -12.75 71.78 3.10
CA ASN D 55 -13.68 70.67 3.19
C ASN D 55 -13.04 69.32 2.82
N LYS D 56 -11.89 69.37 2.16
CA LYS D 56 -11.21 68.13 1.74
C LYS D 56 -9.85 67.97 2.41
N ALA D 57 -9.68 66.88 3.15
CA ALA D 57 -8.42 66.67 3.87
C ALA D 57 -7.88 65.28 3.58
N ARG D 58 -6.61 65.19 3.19
CA ARG D 58 -6.04 63.89 2.82
C ARG D 58 -5.00 63.40 3.82
N PHE D 59 -4.81 62.08 3.86
CA PHE D 59 -3.82 61.50 4.75
C PHE D 59 -3.08 60.45 3.93
N SER D 60 -1.85 60.73 3.55
CA SER D 60 -1.13 59.83 2.66
C SER D 60 -0.24 58.81 3.33
N ILE D 61 -0.21 57.59 2.78
CA ILE D 61 0.67 56.56 3.30
C ILE D 61 1.60 56.14 2.19
N PRO D 62 2.90 56.43 2.33
CA PRO D 62 3.87 56.11 1.28
C PRO D 62 3.92 54.62 0.98
N SER D 63 3.97 53.78 2.00
CA SER D 63 4.03 52.35 1.80
C SER D 63 3.07 51.62 2.72
N MET D 64 2.15 50.86 2.14
CA MET D 64 1.20 50.10 2.95
C MET D 64 1.94 48.98 3.66
N THR D 65 1.89 48.98 4.98
CA THR D 65 2.55 47.95 5.77
C THR D 65 1.54 47.34 6.72
N GLU D 66 1.88 46.23 7.35
CA GLU D 66 0.95 45.55 8.27
C GLU D 66 0.52 46.43 9.43
N HIS D 67 1.15 47.59 9.60
CA HIS D 67 0.83 48.46 10.72
C HIS D 67 -0.23 49.49 10.38
N HIS D 68 -0.50 49.68 9.09
CA HIS D 68 -1.52 50.64 8.67
C HIS D 68 -2.81 49.93 8.31
N ALA D 69 -2.81 48.61 8.41
CA ALA D 69 -3.99 47.83 8.07
C ALA D 69 -4.97 47.75 9.22
N GLY D 70 -6.03 48.56 9.16
CA GLY D 70 -7.01 48.58 10.23
C GLY D 70 -8.20 49.46 9.93
N ARG D 71 -9.11 49.58 10.89
CA ARG D 71 -10.29 50.39 10.68
C ARG D 71 -10.02 51.84 11.07
N TYR D 72 -10.32 52.76 10.16
CA TYR D 72 -10.08 54.19 10.43
C TYR D 72 -11.36 54.99 10.52
N ARG D 73 -11.39 55.98 11.41
CA ARG D 73 -12.56 56.85 11.54
C ARG D 73 -12.13 58.29 11.53
N CYS D 74 -12.89 59.15 10.86
CA CYS D 74 -12.53 60.56 10.76
C CYS D 74 -13.50 61.49 11.48
N HIS D 75 -13.04 62.66 11.87
CA HIS D 75 -13.90 63.65 12.50
C HIS D 75 -13.19 65.00 12.46
N TYR D 76 -13.94 66.03 12.11
CA TYR D 76 -13.38 67.36 11.93
C TYR D 76 -13.83 68.26 13.07
N TYR D 77 -12.97 69.20 13.44
CA TYR D 77 -13.26 70.18 14.47
C TYR D 77 -13.90 71.40 13.81
N SER D 78 -14.92 71.94 14.44
CA SER D 78 -15.64 73.12 13.98
C SER D 78 -15.48 74.25 14.99
N SER D 79 -15.89 75.44 14.60
CA SER D 79 -15.89 76.57 15.52
C SER D 79 -16.88 76.36 16.66
N ALA D 80 -17.81 75.41 16.53
CA ALA D 80 -18.78 75.14 17.57
C ALA D 80 -18.50 73.85 18.32
N GLY D 81 -17.50 73.07 17.90
CA GLY D 81 -17.18 71.84 18.58
C GLY D 81 -16.72 70.79 17.58
N TRP D 82 -16.75 69.53 18.04
CA TRP D 82 -16.31 68.41 17.22
C TRP D 82 -17.51 67.70 16.59
N SER D 83 -17.28 67.08 15.44
CA SER D 83 -18.33 66.41 14.70
C SER D 83 -18.51 64.97 15.18
N GLU D 84 -19.52 64.32 14.62
CA GLU D 84 -19.67 62.89 14.81
C GLU D 84 -18.52 62.13 14.14
N PRO D 85 -18.03 61.06 14.76
CA PRO D 85 -17.02 60.22 14.09
C PRO D 85 -17.58 59.64 12.81
N SER D 86 -16.68 59.33 11.88
CA SER D 86 -17.10 58.86 10.58
C SER D 86 -17.42 57.36 10.62
N ASP D 87 -18.01 56.89 9.52
CA ASP D 87 -18.18 55.46 9.33
C ASP D 87 -16.81 54.81 9.15
N PRO D 88 -16.61 53.59 9.71
CA PRO D 88 -15.22 53.08 9.57
C PRO D 88 -14.82 52.66 8.16
N LEU D 89 -13.53 52.72 7.87
CA LEU D 89 -13.03 52.27 6.57
C LEU D 89 -11.94 51.25 6.81
N GLU D 90 -12.15 50.03 6.35
CA GLU D 90 -11.17 48.98 6.59
C GLU D 90 -10.08 48.95 5.54
N LEU D 91 -8.95 49.58 5.83
CA LEU D 91 -7.84 49.52 4.90
C LEU D 91 -7.20 48.16 5.04
N VAL D 92 -7.12 47.41 3.95
CA VAL D 92 -6.60 46.05 4.02
C VAL D 92 -5.29 45.91 3.28
N MET D 93 -4.35 45.17 3.85
CA MET D 93 -3.11 44.89 3.12
C MET D 93 -3.21 43.46 2.59
N THR D 94 -3.34 43.29 1.28
CA THR D 94 -3.54 41.95 0.71
C THR D 94 -2.34 41.39 -0.05
N GLY D 95 -1.14 41.64 0.43
CA GLY D 95 0.04 41.07 -0.22
C GLY D 95 0.95 40.32 0.72
N PHE D 96 0.38 39.51 1.60
CA PHE D 96 1.20 38.82 2.60
C PHE D 96 1.25 37.30 2.55
N TYR D 97 0.21 36.64 3.06
CA TYR D 97 0.24 35.17 3.12
C TYR D 97 0.30 34.55 1.74
N ASN D 98 0.80 33.32 1.65
CA ASN D 98 0.84 32.62 0.37
C ASN D 98 -0.55 32.56 -0.25
N LYS D 99 -0.62 32.30 -1.54
CA LYS D 99 -1.93 32.32 -2.20
C LYS D 99 -2.72 31.04 -2.03
N PRO D 100 -4.09 31.16 -1.90
CA PRO D 100 -4.83 29.90 -1.83
C PRO D 100 -5.23 29.35 -3.20
N THR D 101 -6.06 28.32 -3.22
CA THR D 101 -6.47 27.71 -4.49
C THR D 101 -7.98 27.78 -4.69
N LEU D 102 -8.42 28.41 -5.77
CA LEU D 102 -9.83 28.50 -6.07
C LEU D 102 -10.21 27.53 -7.17
N SER D 103 -11.25 26.73 -6.95
CA SER D 103 -11.73 25.80 -7.97
C SER D 103 -13.23 25.88 -8.10
N ALA D 104 -13.79 25.22 -9.09
CA ALA D 104 -15.23 25.25 -9.31
C ALA D 104 -15.83 23.87 -9.20
N LEU D 105 -17.01 23.77 -8.62
CA LEU D 105 -17.67 22.48 -8.47
C LEU D 105 -19.11 22.58 -8.97
N PRO D 106 -19.44 21.85 -10.07
CA PRO D 106 -18.63 20.72 -10.58
C PRO D 106 -17.68 21.07 -11.75
N SER D 107 -17.96 22.10 -12.53
CA SER D 107 -17.12 22.47 -13.65
C SER D 107 -17.11 23.97 -13.86
N PRO D 108 -16.06 24.50 -14.51
CA PRO D 108 -16.04 25.93 -14.83
C PRO D 108 -17.22 26.35 -15.71
N VAL D 109 -17.76 25.44 -16.51
CA VAL D 109 -18.91 25.74 -17.36
C VAL D 109 -20.23 25.45 -16.63
N VAL D 110 -21.09 26.46 -16.51
CA VAL D 110 -22.34 26.30 -15.79
C VAL D 110 -23.51 26.64 -16.71
N ALA D 111 -24.69 26.06 -16.48
CA ALA D 111 -25.85 26.42 -17.26
C ALA D 111 -26.31 27.83 -16.93
N SER D 112 -26.79 28.56 -17.92
CA SER D 112 -27.20 29.95 -17.69
C SER D 112 -28.36 30.02 -16.72
N GLY D 113 -28.22 30.81 -15.67
CA GLY D 113 -29.25 30.89 -14.65
C GLY D 113 -29.08 29.79 -13.62
N GLY D 114 -28.00 29.03 -13.73
CA GLY D 114 -27.77 27.93 -12.82
C GLY D 114 -26.92 28.28 -11.62
N ASN D 115 -26.86 27.38 -10.65
CA ASN D 115 -26.09 27.62 -9.44
C ASN D 115 -24.90 26.71 -9.34
N MET D 116 -23.85 27.16 -8.65
CA MET D 116 -22.66 26.33 -8.46
C MET D 116 -21.97 26.63 -7.15
N THR D 117 -20.84 25.97 -6.91
CA THR D 117 -20.09 26.19 -5.68
C THR D 117 -18.62 26.38 -6.01
N LEU D 118 -18.01 27.44 -5.49
CA LEU D 118 -16.59 27.65 -5.68
C LEU D 118 -15.85 27.36 -4.39
N ARG D 119 -14.91 26.42 -4.44
CA ARG D 119 -14.19 26.04 -3.23
C ARG D 119 -12.84 26.70 -3.12
N CYS D 120 -12.63 27.49 -2.07
CA CYS D 120 -11.33 28.10 -1.84
C CYS D 120 -10.63 27.34 -0.74
N GLY D 121 -9.33 27.13 -0.89
CA GLY D 121 -8.62 26.33 0.07
C GLY D 121 -7.12 26.52 0.20
N SER D 122 -6.58 26.30 1.39
CA SER D 122 -5.15 26.43 1.62
C SER D 122 -4.65 25.20 2.34
N GLN D 123 -3.34 24.96 2.31
CA GLN D 123 -2.76 23.78 2.96
C GLN D 123 -2.81 23.87 4.47
N LYS D 124 -2.47 25.02 5.02
CA LYS D 124 -2.53 25.21 6.48
C LYS D 124 -3.94 25.49 6.97
N GLY D 125 -4.12 25.48 8.28
CA GLY D 125 -5.43 25.75 8.85
C GLY D 125 -5.53 27.12 9.47
N TYR D 126 -6.63 27.39 10.17
CA TYR D 126 -6.83 28.68 10.85
C TYR D 126 -6.93 29.90 9.93
N HIS D 127 -7.57 29.75 8.77
CA HIS D 127 -7.73 30.87 7.84
C HIS D 127 -9.19 31.14 7.53
N HIS D 128 -9.55 32.41 7.40
CA HIS D 128 -10.91 32.77 7.04
C HIS D 128 -10.92 33.30 5.63
N PHE D 129 -11.59 32.61 4.71
CA PHE D 129 -11.54 32.98 3.29
C PHE D 129 -12.51 34.06 2.80
N VAL D 130 -12.09 34.83 1.79
CA VAL D 130 -12.93 35.87 1.22
C VAL D 130 -12.97 35.76 -0.30
N LEU D 131 -14.14 35.69 -0.90
CA LEU D 131 -14.26 35.63 -2.36
C LEU D 131 -14.56 36.98 -2.95
N MET D 132 -13.70 37.43 -3.88
CA MET D 132 -13.89 38.72 -4.53
C MET D 132 -14.20 38.56 -6.01
N LYS D 133 -15.39 38.97 -6.42
CA LYS D 133 -15.74 38.89 -7.82
C LYS D 133 -15.13 40.07 -8.53
N GLU D 134 -14.25 39.80 -9.49
CA GLU D 134 -13.61 40.86 -10.24
C GLU D 134 -14.62 41.66 -11.03
N GLY D 135 -14.57 42.99 -10.91
CA GLY D 135 -15.47 43.84 -11.67
C GLY D 135 -16.67 44.36 -10.91
N GLU D 136 -17.00 43.73 -9.78
CA GLU D 136 -18.15 44.16 -8.99
C GLU D 136 -17.69 44.80 -7.69
N HIS D 137 -18.20 45.99 -7.39
CA HIS D 137 -17.83 46.70 -6.18
C HIS D 137 -18.69 46.22 -5.01
N GLN D 138 -18.44 45.01 -4.54
CA GLN D 138 -19.22 44.46 -3.43
C GLN D 138 -18.37 44.28 -2.18
N LEU D 139 -19.04 44.09 -1.05
CA LEU D 139 -18.32 43.84 0.18
C LEU D 139 -17.64 42.48 0.12
N PRO D 140 -16.38 42.41 0.60
CA PRO D 140 -15.65 41.14 0.62
C PRO D 140 -16.50 40.01 1.18
N ARG D 141 -16.71 38.94 0.42
CA ARG D 141 -17.60 37.86 0.86
C ARG D 141 -16.91 36.86 1.78
N THR D 142 -17.11 36.99 3.08
CA THR D 142 -16.40 36.12 4.02
C THR D 142 -17.20 34.88 4.40
N LEU D 143 -16.51 33.79 4.74
CA LEU D 143 -17.18 32.57 5.19
C LEU D 143 -17.95 32.81 6.48
N ASP D 144 -17.56 33.83 7.26
CA ASP D 144 -18.20 34.11 8.55
C ASP D 144 -19.72 34.26 8.50
N SER D 145 -20.27 34.68 7.37
CA SER D 145 -21.73 34.74 7.24
C SER D 145 -22.30 33.34 7.39
N GLN D 146 -21.67 32.36 6.78
CA GLN D 146 -22.10 30.97 6.87
C GLN D 146 -21.04 30.19 7.63
N GLN D 147 -20.41 30.84 8.60
CA GLN D 147 -19.29 30.21 9.32
C GLN D 147 -19.52 28.78 9.78
N LEU D 148 -18.50 27.94 9.66
CA LEU D 148 -18.62 26.56 10.10
C LEU D 148 -17.31 26.14 10.78
N HIS D 149 -17.41 25.39 11.86
CA HIS D 149 -16.21 24.92 12.54
C HIS D 149 -15.63 23.78 11.72
N SER D 150 -14.65 24.09 10.87
CA SER D 150 -14.08 23.05 10.01
C SER D 150 -12.58 22.92 10.20
N GLY D 151 -11.91 24.00 10.56
CA GLY D 151 -10.46 23.95 10.70
C GLY D 151 -9.72 25.00 9.92
N GLY D 152 -10.42 25.75 9.07
CA GLY D 152 -9.79 26.82 8.33
C GLY D 152 -9.02 26.40 7.09
N PHE D 153 -9.20 25.17 6.65
CA PHE D 153 -8.47 24.68 5.49
C PHE D 153 -9.17 25.08 4.21
N GLN D 154 -10.50 25.04 4.19
CA GLN D 154 -11.26 25.34 2.99
C GLN D 154 -12.48 26.19 3.25
N ALA D 155 -13.09 26.69 2.20
CA ALA D 155 -14.32 27.44 2.32
C ALA D 155 -15.10 27.22 1.06
N LEU D 156 -16.36 26.85 1.20
CA LEU D 156 -17.21 26.63 0.04
C LEU D 156 -18.10 27.83 -0.14
N PHE D 157 -18.00 28.47 -1.30
CA PHE D 157 -18.81 29.66 -1.55
C PHE D 157 -19.83 29.39 -2.63
N PRO D 158 -21.15 29.51 -2.29
CA PRO D 158 -22.07 29.19 -3.36
C PRO D 158 -22.27 30.37 -4.30
N VAL D 159 -21.96 30.18 -5.57
CA VAL D 159 -22.16 31.23 -6.56
C VAL D 159 -23.38 30.91 -7.39
N GLY D 160 -24.19 31.91 -7.69
CA GLY D 160 -25.39 31.70 -8.47
C GLY D 160 -26.23 32.94 -8.56
N PRO D 161 -27.43 32.83 -9.14
CA PRO D 161 -27.69 32.56 -10.56
C PRO D 161 -26.66 33.18 -11.49
N VAL D 162 -26.01 32.35 -12.31
CA VAL D 162 -25.00 32.84 -13.23
C VAL D 162 -25.62 33.41 -14.49
N ASN D 163 -26.14 34.63 -14.40
CA ASN D 163 -26.70 35.29 -15.58
C ASN D 163 -25.62 35.61 -16.59
N PRO D 164 -25.97 35.59 -17.89
CA PRO D 164 -24.93 35.79 -18.90
C PRO D 164 -24.82 37.23 -19.37
N SER D 165 -25.04 38.19 -18.49
CA SER D 165 -24.99 39.60 -18.87
C SER D 165 -23.60 40.16 -18.64
N HIS D 166 -22.72 39.36 -18.05
CA HIS D 166 -21.37 39.80 -17.77
C HIS D 166 -20.49 38.59 -17.53
N ARG D 167 -19.18 38.81 -17.45
CA ARG D 167 -18.28 37.71 -17.17
C ARG D 167 -18.18 37.49 -15.68
N TRP D 168 -18.08 36.24 -15.26
CA TRP D 168 -17.96 35.94 -13.85
C TRP D 168 -16.55 35.51 -13.52
N ARG D 169 -15.70 36.44 -13.08
CA ARG D 169 -14.33 36.12 -12.75
C ARG D 169 -14.10 36.28 -11.27
N PHE D 170 -13.48 35.31 -10.62
CA PHE D 170 -13.33 35.34 -9.17
C PHE D 170 -11.90 35.22 -8.67
N THR D 171 -11.61 35.81 -7.51
CA THR D 171 -10.28 35.73 -6.91
C THR D 171 -10.46 35.53 -5.41
N CYS D 172 -9.61 34.76 -4.77
CA CYS D 172 -9.81 34.46 -3.36
C CYS D 172 -8.65 34.82 -2.45
N TYR D 173 -8.95 35.33 -1.25
CA TYR D 173 -7.92 35.66 -0.28
C TYR D 173 -8.28 35.03 1.05
N TYR D 174 -7.35 34.94 1.98
CA TYR D 174 -7.67 34.42 3.33
C TYR D 174 -7.01 35.29 4.40
N TYR D 175 -7.49 35.18 5.63
CA TYR D 175 -6.94 35.98 6.72
C TYR D 175 -7.04 35.31 8.08
N TYR D 176 -6.05 35.54 8.94
CA TYR D 176 -6.10 35.01 10.30
C TYR D 176 -6.99 35.89 11.13
N MET D 177 -7.74 35.31 12.06
CA MET D 177 -8.71 36.09 12.85
C MET D 177 -8.08 37.20 13.69
N ASN D 178 -6.87 36.97 14.19
CA ASN D 178 -6.18 37.98 15.00
C ASN D 178 -5.97 39.27 14.22
N THR D 179 -5.59 39.16 12.95
CA THR D 179 -5.41 40.34 12.11
C THR D 179 -6.41 40.27 10.96
N PRO D 180 -7.62 40.82 11.16
CA PRO D 180 -8.66 40.69 10.15
C PRO D 180 -8.43 41.54 8.88
N GLN D 181 -7.53 42.51 8.94
CA GLN D 181 -7.31 43.40 7.81
C GLN D 181 -6.00 43.12 7.11
N VAL D 182 -5.35 41.99 7.42
CA VAL D 182 -4.15 41.62 6.71
C VAL D 182 -4.45 40.33 5.98
N TRP D 183 -4.53 40.37 4.65
CA TRP D 183 -4.92 39.18 3.89
C TRP D 183 -3.75 38.49 3.20
N SER D 184 -4.04 37.44 2.43
CA SER D 184 -3.00 36.72 1.71
C SER D 184 -2.81 37.23 0.30
N HIS D 185 -2.07 36.47 -0.51
CA HIS D 185 -1.87 36.85 -1.90
C HIS D 185 -3.06 36.38 -2.71
N PRO D 186 -3.54 37.21 -3.65
CA PRO D 186 -4.73 36.84 -4.41
C PRO D 186 -4.55 35.52 -5.13
N SER D 187 -5.56 34.65 -5.10
CA SER D 187 -5.49 33.39 -5.82
C SER D 187 -5.57 33.61 -7.32
N ASP D 188 -5.23 32.59 -8.09
CA ASP D 188 -5.34 32.70 -9.54
C ASP D 188 -6.80 32.84 -9.93
N PRO D 189 -7.12 33.83 -10.83
CA PRO D 189 -8.55 34.02 -11.10
C PRO D 189 -9.26 32.85 -11.78
N LEU D 190 -10.57 32.78 -11.63
CA LEU D 190 -11.35 31.72 -12.26
C LEU D 190 -12.52 32.30 -13.03
N GLU D 191 -12.58 32.04 -14.33
CA GLU D 191 -13.72 32.51 -15.12
C GLU D 191 -14.79 31.44 -15.24
N ILE D 192 -16.03 31.82 -14.98
CA ILE D 192 -17.14 30.89 -15.08
C ILE D 192 -17.90 31.14 -16.38
N LEU D 193 -18.10 30.09 -17.17
CA LEU D 193 -18.75 30.24 -18.46
C LEU D 193 -20.23 29.84 -18.42
N PRO D 194 -21.12 30.79 -18.76
CA PRO D 194 -22.55 30.49 -18.78
C PRO D 194 -23.01 29.88 -20.10
N SER D 195 -23.10 28.56 -20.15
CA SER D 195 -23.55 27.88 -21.37
C SER D 195 -25.06 28.01 -21.53
N GLY D 196 -25.52 28.18 -22.77
CA GLY D 196 -26.94 28.37 -23.00
C GLY D 196 -27.59 27.38 -23.94
N VAL D 197 -28.44 27.87 -24.84
CA VAL D 197 -29.18 26.97 -25.74
C VAL D 197 -28.90 27.23 -27.23
N SER D 198 -28.01 28.17 -27.52
CA SER D 198 -27.66 28.45 -28.91
C SER D 198 -27.06 27.23 -29.60
N ARG D 199 -27.16 27.15 -30.93
CA ARG D 199 -26.68 25.98 -31.66
C ARG D 199 -25.25 25.57 -31.33
N LYS D 200 -25.03 24.27 -31.14
CA LYS D 200 -23.71 23.77 -30.77
C LYS D 200 -22.69 23.81 -31.90
N PRO D 201 -21.37 23.90 -31.55
CA PRO D 201 -20.43 23.80 -32.66
C PRO D 201 -20.03 22.33 -32.90
N SER D 202 -19.00 22.09 -33.69
CA SER D 202 -18.55 20.73 -33.96
C SER D 202 -17.07 20.58 -33.70
N LEU D 203 -16.69 19.61 -32.88
CA LEU D 203 -15.29 19.40 -32.58
C LEU D 203 -14.76 18.21 -33.35
N LEU D 204 -13.75 18.42 -34.18
CA LEU D 204 -13.21 17.35 -35.00
C LEU D 204 -11.73 17.21 -34.80
N THR D 205 -11.27 16.01 -34.42
CA THR D 205 -9.83 15.80 -34.31
C THR D 205 -9.26 15.69 -35.69
N LEU D 206 -7.99 16.03 -35.84
CA LEU D 206 -7.35 15.96 -37.14
C LEU D 206 -6.22 14.92 -37.19
N GLN D 207 -6.04 14.16 -36.11
CA GLN D 207 -4.93 13.20 -36.06
C GLN D 207 -5.27 11.77 -35.67
N GLY D 208 -6.42 11.26 -36.10
CA GLY D 208 -6.74 9.86 -35.86
C GLY D 208 -7.43 9.47 -34.57
N PRO D 209 -7.96 8.21 -34.50
CA PRO D 209 -8.70 7.93 -33.25
C PRO D 209 -7.79 7.73 -32.04
N VAL D 210 -6.84 6.80 -32.09
CA VAL D 210 -5.99 6.53 -30.95
C VAL D 210 -4.63 7.19 -31.16
N LEU D 211 -4.24 8.05 -30.23
CA LEU D 211 -2.97 8.78 -30.37
C LEU D 211 -1.83 8.11 -29.63
N ALA D 212 -0.66 8.09 -30.24
CA ALA D 212 0.52 7.54 -29.60
C ALA D 212 1.38 8.69 -29.12
N PRO D 213 2.16 8.48 -28.04
CA PRO D 213 2.93 9.61 -27.49
C PRO D 213 3.84 10.25 -28.53
N GLY D 214 3.82 11.58 -28.61
CA GLY D 214 4.64 12.29 -29.58
C GLY D 214 3.86 12.92 -30.72
N GLN D 215 2.65 12.43 -30.98
CA GLN D 215 1.82 12.99 -32.05
C GLN D 215 1.34 14.40 -31.68
N SER D 216 1.23 15.26 -32.68
CA SER D 216 0.80 16.63 -32.44
C SER D 216 -0.71 16.74 -32.56
N LEU D 217 -1.44 16.61 -31.46
CA LEU D 217 -2.89 16.65 -31.54
C LEU D 217 -3.42 18.03 -31.87
N THR D 218 -4.31 18.14 -32.85
CA THR D 218 -4.93 19.43 -33.16
C THR D 218 -6.43 19.26 -33.27
N LEU D 219 -7.17 19.75 -32.28
CA LEU D 219 -8.62 19.62 -32.29
C LEU D 219 -9.24 20.84 -32.97
N GLN D 220 -9.94 20.62 -34.06
CA GLN D 220 -10.53 21.74 -34.79
C GLN D 220 -11.98 21.93 -34.40
N CYS D 221 -12.33 23.14 -33.97
CA CYS D 221 -13.70 23.43 -33.61
C CYS D 221 -14.30 24.29 -34.69
N GLY D 222 -15.56 24.06 -35.03
CA GLY D 222 -16.18 24.80 -36.10
C GLY D 222 -17.67 25.01 -35.99
N SER D 223 -18.16 26.13 -36.51
CA SER D 223 -19.59 26.43 -36.45
C SER D 223 -20.10 27.06 -37.72
N ASP D 224 -21.36 26.77 -38.07
CA ASP D 224 -21.96 27.38 -39.25
C ASP D 224 -22.77 28.63 -38.87
N VAL D 225 -23.04 28.81 -37.59
CA VAL D 225 -23.83 29.96 -37.15
C VAL D 225 -23.00 31.23 -37.13
N GLY D 226 -21.69 31.09 -37.20
CA GLY D 226 -20.82 32.25 -37.22
C GLY D 226 -20.40 32.78 -35.86
N TYR D 227 -19.91 31.91 -34.99
CA TYR D 227 -19.42 32.35 -33.71
C TYR D 227 -18.10 33.07 -33.92
N ASP D 228 -17.63 33.81 -32.93
CA ASP D 228 -16.41 34.59 -33.11
C ASP D 228 -15.28 34.17 -32.18
N ARG D 229 -15.62 33.50 -31.09
CA ARG D 229 -14.61 33.00 -30.15
C ARG D 229 -14.97 31.61 -29.67
N PHE D 230 -13.97 30.73 -29.60
CA PHE D 230 -14.23 29.34 -29.22
C PHE D 230 -13.49 28.91 -27.95
N VAL D 231 -14.11 28.05 -27.15
CA VAL D 231 -13.49 27.56 -25.93
C VAL D 231 -13.43 26.04 -25.93
N LEU D 232 -12.31 25.47 -25.54
CA LEU D 232 -12.18 24.02 -25.47
C LEU D 232 -11.98 23.61 -24.04
N TYR D 233 -12.83 22.71 -23.54
CA TYR D 233 -12.72 22.27 -22.17
C TYR D 233 -12.55 20.76 -22.03
N LYS D 234 -11.52 20.32 -21.32
CA LYS D 234 -11.34 18.90 -21.07
C LYS D 234 -11.98 18.58 -19.76
N GLU D 235 -13.00 17.74 -19.76
CA GLU D 235 -13.74 17.47 -18.54
C GLU D 235 -12.82 17.07 -17.40
N GLY D 236 -12.89 17.81 -16.30
CA GLY D 236 -12.06 17.51 -15.15
C GLY D 236 -11.01 18.57 -14.86
N GLU D 237 -10.88 19.57 -15.73
CA GLU D 237 -9.87 20.60 -15.57
C GLU D 237 -10.42 21.86 -14.91
N ARG D 238 -9.52 22.73 -14.44
CA ARG D 238 -9.94 23.95 -13.78
C ARG D 238 -10.05 25.10 -14.75
N ASP D 239 -9.30 25.06 -15.84
CA ASP D 239 -9.34 26.15 -16.80
C ASP D 239 -9.59 25.68 -18.22
N PHE D 240 -9.76 26.62 -19.14
CA PHE D 240 -10.06 26.28 -20.53
C PHE D 240 -9.18 27.04 -21.49
N LEU D 241 -9.20 26.65 -22.76
CA LEU D 241 -8.39 27.31 -23.76
C LEU D 241 -9.29 28.09 -24.68
N GLN D 242 -8.86 29.29 -25.08
CA GLN D 242 -9.69 30.14 -25.92
C GLN D 242 -8.98 30.63 -27.17
N ARG D 243 -9.55 30.39 -28.34
CA ARG D 243 -8.97 30.85 -29.60
C ARG D 243 -10.03 31.59 -30.40
N PRO D 244 -9.65 32.70 -31.10
CA PRO D 244 -10.73 33.32 -31.87
C PRO D 244 -11.10 32.54 -33.13
N GLY D 245 -12.32 32.75 -33.64
CA GLY D 245 -12.76 32.00 -34.79
C GLY D 245 -12.61 32.66 -36.14
N GLN D 246 -11.60 32.25 -36.88
CA GLN D 246 -11.35 32.81 -38.19
C GLN D 246 -12.40 32.34 -39.17
N GLN D 247 -12.63 33.10 -40.23
CA GLN D 247 -13.63 32.72 -41.20
C GLN D 247 -13.00 32.37 -42.54
N PRO D 248 -12.74 31.08 -42.78
CA PRO D 248 -12.23 30.68 -44.10
C PRO D 248 -13.29 30.97 -45.13
N GLN D 249 -14.55 30.67 -44.83
CA GLN D 249 -15.65 30.96 -45.73
C GLN D 249 -16.62 31.88 -45.01
N ALA D 250 -17.45 32.60 -45.76
CA ALA D 250 -18.45 33.44 -45.13
C ALA D 250 -19.42 32.59 -44.33
N GLY D 251 -19.57 32.88 -43.04
CA GLY D 251 -20.46 32.11 -42.19
C GLY D 251 -19.75 31.02 -41.42
N LEU D 252 -18.95 30.21 -42.11
CA LEU D 252 -18.20 29.14 -41.45
C LEU D 252 -17.12 29.73 -40.57
N SER D 253 -17.13 29.40 -39.29
CA SER D 253 -16.11 29.91 -38.39
C SER D 253 -15.39 28.77 -37.73
N GLN D 254 -14.08 28.70 -37.89
CA GLN D 254 -13.31 27.60 -37.33
C GLN D 254 -12.10 28.05 -36.51
N ALA D 255 -11.72 27.24 -35.53
CA ALA D 255 -10.58 27.57 -34.70
C ALA D 255 -9.83 26.31 -34.36
N ASN D 256 -8.54 26.28 -34.65
CA ASN D 256 -7.75 25.08 -34.41
C ASN D 256 -7.03 25.15 -33.08
N PHE D 257 -7.39 24.26 -32.16
CA PHE D 257 -6.79 24.25 -30.85
C PHE D 257 -5.59 23.34 -30.84
N THR D 258 -4.43 23.87 -31.22
CA THR D 258 -3.22 23.07 -31.25
C THR D 258 -2.78 22.66 -29.87
N LEU D 259 -3.04 21.41 -29.50
CA LEU D 259 -2.65 20.93 -28.18
C LEU D 259 -1.20 20.50 -28.14
N GLY D 260 -0.59 20.31 -29.31
CA GLY D 260 0.82 19.95 -29.37
C GLY D 260 1.16 18.51 -29.07
N PRO D 261 2.47 18.20 -28.82
CA PRO D 261 2.79 16.80 -28.44
C PRO D 261 1.89 16.21 -27.38
N VAL D 262 1.59 14.92 -27.48
CA VAL D 262 0.64 14.31 -26.54
C VAL D 262 1.27 13.51 -25.40
N SER D 263 0.58 13.50 -24.26
CA SER D 263 1.07 12.77 -23.09
C SER D 263 -0.14 12.27 -22.30
N ARG D 264 0.06 11.84 -21.07
CA ARG D 264 -1.05 11.40 -20.24
C ARG D 264 -2.11 12.46 -20.10
N SER D 265 -1.68 13.72 -19.96
CA SER D 265 -2.63 14.81 -19.74
C SER D 265 -3.57 15.08 -20.89
N HIS D 266 -3.23 14.69 -22.11
CA HIS D 266 -4.05 15.01 -23.26
C HIS D 266 -5.17 14.01 -23.50
N GLY D 267 -5.23 12.95 -22.69
CA GLY D 267 -6.24 11.93 -22.86
C GLY D 267 -7.48 12.18 -22.06
N GLY D 268 -8.53 12.67 -22.71
CA GLY D 268 -9.78 12.93 -22.03
C GLY D 268 -10.93 13.30 -22.94
N GLN D 269 -12.00 13.81 -22.35
CA GLN D 269 -13.19 14.16 -23.14
C GLN D 269 -13.24 15.65 -23.36
N TYR D 270 -13.32 16.07 -24.61
CA TYR D 270 -13.29 17.50 -24.91
C TYR D 270 -14.57 18.00 -25.52
N ARG D 271 -15.09 19.10 -25.02
CA ARG D 271 -16.27 19.71 -25.61
C ARG D 271 -15.94 21.13 -25.96
N CYS D 272 -16.49 21.60 -27.06
CA CYS D 272 -16.18 22.95 -27.53
C CYS D 272 -17.39 23.87 -27.45
N TYR D 273 -17.16 25.13 -27.07
CA TYR D 273 -18.24 26.09 -26.98
C TYR D 273 -17.94 27.31 -27.84
N GLY D 274 -18.96 27.89 -28.45
CA GLY D 274 -18.76 29.03 -29.32
C GLY D 274 -19.54 30.26 -28.91
N ALA D 275 -18.88 31.42 -28.93
CA ALA D 275 -19.56 32.67 -28.56
C ALA D 275 -19.03 33.83 -29.38
N HIS D 276 -19.51 35.03 -29.08
CA HIS D 276 -19.09 36.22 -29.82
C HIS D 276 -18.43 37.23 -28.89
N ASN D 277 -17.64 38.12 -29.46
CA ASN D 277 -16.92 39.11 -28.66
C ASN D 277 -17.89 39.81 -27.73
N LEU D 278 -19.09 40.10 -28.23
CA LEU D 278 -20.10 40.75 -27.40
C LEU D 278 -20.97 39.74 -26.68
N SER D 279 -20.86 38.46 -27.05
CA SER D 279 -21.69 37.43 -26.44
C SER D 279 -21.02 36.82 -25.21
N SER D 280 -21.39 37.29 -24.03
CA SER D 280 -20.84 36.74 -22.80
C SER D 280 -21.26 35.29 -22.64
N GLU D 281 -22.51 34.99 -23.00
CA GLU D 281 -23.02 33.63 -22.90
C GLU D 281 -22.35 32.74 -23.93
N TRP D 282 -22.46 31.42 -23.77
CA TRP D 282 -21.81 30.50 -24.68
C TRP D 282 -22.82 29.51 -25.24
N SER D 283 -22.52 28.96 -26.42
CA SER D 283 -23.41 28.00 -27.04
C SER D 283 -23.49 26.69 -26.32
N ALA D 284 -24.45 25.87 -26.72
CA ALA D 284 -24.59 24.56 -26.13
C ALA D 284 -23.34 23.74 -26.40
N PRO D 285 -23.01 22.77 -25.53
CA PRO D 285 -21.75 22.09 -25.82
C PRO D 285 -21.73 21.30 -27.11
N SER D 286 -20.54 21.08 -27.66
CA SER D 286 -20.42 20.24 -28.84
C SER D 286 -20.43 18.80 -28.41
N ASP D 287 -20.48 17.87 -29.38
CA ASP D 287 -20.43 16.45 -29.05
C ASP D 287 -19.07 16.09 -28.47
N PRO D 288 -19.05 15.24 -27.40
CA PRO D 288 -17.73 15.01 -26.83
C PRO D 288 -16.74 14.34 -27.76
N LEU D 289 -15.46 14.68 -27.63
CA LEU D 289 -14.44 14.06 -28.43
C LEU D 289 -13.50 13.38 -27.47
N ASN D 290 -13.69 12.09 -27.28
CA ASN D 290 -12.83 11.33 -26.40
C ASN D 290 -11.52 11.07 -27.08
N ILE D 291 -10.43 11.54 -26.50
CA ILE D 291 -9.09 11.33 -27.06
C ILE D 291 -8.46 10.18 -26.34
N LEU D 292 -8.12 9.13 -27.06
CA LEU D 292 -7.57 7.94 -26.44
C LEU D 292 -6.06 7.91 -26.59
N MET D 293 -5.35 7.69 -25.49
CA MET D 293 -3.88 7.71 -25.50
C MET D 293 -3.25 6.34 -25.38
N ALA D 294 -2.57 5.89 -26.44
CA ALA D 294 -1.98 4.55 -26.43
C ALA D 294 -0.59 4.53 -25.83
N GLY D 295 -0.22 3.40 -25.25
CA GLY D 295 1.11 3.26 -24.69
C GLY D 295 1.24 3.67 -23.26
N GLN D 296 0.12 3.82 -22.57
CA GLN D 296 0.16 4.30 -21.19
C GLN D 296 0.07 3.15 -20.21
N ILE D 297 -0.15 1.94 -20.71
CA ILE D 297 -0.18 0.76 -19.85
C ILE D 297 0.80 -0.23 -20.42
N TYR D 298 1.64 -0.78 -19.56
CA TYR D 298 2.65 -1.74 -20.02
C TYR D 298 2.09 -3.15 -20.08
N ASP D 299 0.88 -3.34 -19.58
CA ASP D 299 0.23 -4.63 -19.69
C ASP D 299 -0.11 -4.88 -21.16
N THR D 300 -0.06 -6.13 -21.61
CA THR D 300 -0.24 -6.40 -23.04
C THR D 300 -1.52 -7.09 -23.47
N VAL D 301 -1.92 -6.87 -24.71
CA VAL D 301 -3.11 -7.50 -25.28
C VAL D 301 -2.74 -8.26 -26.54
N SER D 302 -3.54 -9.23 -26.95
CA SER D 302 -3.26 -10.01 -28.15
C SER D 302 -4.47 -10.21 -29.06
N LEU D 303 -4.31 -10.01 -30.36
CA LEU D 303 -5.43 -10.15 -31.29
C LEU D 303 -5.32 -11.39 -32.16
N SER D 304 -6.35 -12.23 -32.12
CA SER D 304 -6.38 -13.42 -32.95
C SER D 304 -7.68 -13.44 -33.72
N ALA D 305 -7.67 -14.05 -34.89
CA ALA D 305 -8.88 -14.15 -35.70
C ALA D 305 -9.36 -15.57 -35.76
N GLN D 306 -10.63 -15.79 -35.46
CA GLN D 306 -11.19 -17.13 -35.53
C GLN D 306 -12.41 -17.14 -36.45
N PRO D 307 -12.20 -17.53 -37.70
CA PRO D 307 -11.59 -18.80 -38.09
C PRO D 307 -10.10 -18.63 -38.36
N GLY D 308 -9.73 -17.63 -39.14
CA GLY D 308 -8.33 -17.38 -39.42
C GLY D 308 -8.05 -16.07 -40.10
N PRO D 309 -6.78 -15.66 -40.12
CA PRO D 309 -6.43 -14.43 -40.83
C PRO D 309 -6.84 -14.54 -42.28
N THR D 310 -6.87 -15.76 -42.80
CA THR D 310 -7.32 -15.96 -44.18
C THR D 310 -8.74 -16.51 -44.20
N VAL D 311 -9.61 -15.89 -44.97
CA VAL D 311 -11.02 -16.30 -45.05
C VAL D 311 -11.65 -16.03 -46.39
N ALA D 312 -12.86 -16.53 -46.59
CA ALA D 312 -13.58 -16.28 -47.83
C ALA D 312 -14.84 -15.49 -47.53
N SER D 313 -15.24 -14.61 -48.45
CA SER D 313 -16.44 -13.80 -48.23
C SER D 313 -17.65 -14.68 -47.95
N GLY D 314 -18.34 -14.39 -46.85
CA GLY D 314 -19.50 -15.17 -46.49
C GLY D 314 -19.35 -16.04 -45.25
N GLU D 315 -18.14 -16.13 -44.73
CA GLU D 315 -17.89 -16.92 -43.52
C GLU D 315 -18.08 -16.09 -42.26
N ASN D 316 -17.84 -16.68 -41.10
CA ASN D 316 -18.00 -15.95 -39.85
C ASN D 316 -16.66 -15.73 -39.16
N VAL D 317 -16.12 -14.52 -39.29
CA VAL D 317 -14.85 -14.20 -38.65
C VAL D 317 -15.11 -13.52 -37.33
N THR D 318 -14.49 -14.01 -36.27
CA THR D 318 -14.63 -13.34 -34.98
C THR D 318 -13.28 -13.02 -34.41
N LEU D 319 -12.87 -11.75 -34.51
CA LEU D 319 -11.60 -11.34 -33.95
C LEU D 319 -11.66 -11.40 -32.44
N LEU D 320 -10.62 -11.95 -31.81
CA LEU D 320 -10.61 -12.07 -30.37
C LEU D 320 -9.46 -11.29 -29.76
N CYS D 321 -9.77 -10.32 -28.92
CA CYS D 321 -8.73 -9.58 -28.24
C CYS D 321 -8.63 -10.09 -26.82
N GLN D 322 -7.55 -10.76 -26.48
CA GLN D 322 -7.42 -11.37 -25.16
C GLN D 322 -6.23 -10.91 -24.35
N SER D 323 -6.31 -11.07 -23.04
CA SER D 323 -5.23 -10.67 -22.15
C SER D 323 -5.26 -11.40 -20.82
N TRP D 324 -4.10 -11.73 -20.25
CA TRP D 324 -4.10 -12.35 -18.93
C TRP D 324 -4.41 -11.33 -17.85
N TRP D 325 -4.20 -10.05 -18.14
CA TRP D 325 -4.57 -8.99 -17.22
C TRP D 325 -6.05 -8.69 -17.23
N GLN D 326 -6.57 -8.20 -16.11
CA GLN D 326 -7.99 -7.91 -16.00
C GLN D 326 -8.33 -6.55 -16.58
N PHE D 327 -8.17 -6.39 -17.88
CA PHE D 327 -8.54 -5.14 -18.52
C PHE D 327 -10.05 -5.04 -18.47
N ASP D 328 -10.57 -3.89 -18.09
CA ASP D 328 -12.00 -3.71 -18.00
C ASP D 328 -12.66 -3.72 -19.37
N THR D 329 -12.05 -3.07 -20.36
CA THR D 329 -12.59 -3.07 -21.71
C THR D 329 -11.53 -3.35 -22.77
N PHE D 330 -11.95 -3.83 -23.93
CA PHE D 330 -11.02 -4.05 -25.03
C PHE D 330 -11.48 -3.26 -26.25
N LEU D 331 -10.58 -2.51 -26.88
CA LEU D 331 -10.94 -1.69 -28.03
C LEU D 331 -10.38 -2.27 -29.32
N LEU D 332 -11.01 -1.97 -30.45
CA LEU D 332 -10.52 -2.46 -31.75
C LEU D 332 -10.37 -1.35 -32.77
N THR D 333 -9.20 -1.27 -33.39
CA THR D 333 -8.96 -0.26 -34.42
C THR D 333 -8.60 -0.90 -35.75
N LYS D 334 -9.03 -0.28 -36.84
CA LYS D 334 -8.68 -0.77 -38.16
C LYS D 334 -7.86 0.29 -38.84
N GLU D 335 -6.69 -0.08 -39.34
CA GLU D 335 -5.80 0.90 -39.96
C GLU D 335 -6.49 1.55 -41.15
N GLY D 336 -6.60 2.87 -41.12
CA GLY D 336 -7.27 3.58 -42.19
C GLY D 336 -8.62 4.13 -41.82
N ALA D 337 -9.32 3.44 -40.91
CA ALA D 337 -10.63 3.90 -40.46
C ALA D 337 -10.53 5.09 -39.51
N ALA D 338 -11.37 6.10 -39.70
CA ALA D 338 -11.32 7.30 -38.85
C ALA D 338 -12.31 7.27 -37.68
N HIS D 339 -13.31 6.41 -37.76
CA HIS D 339 -14.32 6.31 -36.70
C HIS D 339 -13.70 5.87 -35.37
N PRO D 340 -14.27 6.32 -34.22
CA PRO D 340 -13.71 5.82 -32.96
C PRO D 340 -13.67 4.30 -32.80
N PRO D 341 -12.70 3.78 -32.03
CA PRO D 341 -12.54 2.33 -31.87
C PRO D 341 -13.76 1.62 -31.27
N LEU D 342 -13.99 0.37 -31.67
CA LEU D 342 -15.09 -0.43 -31.13
C LEU D 342 -14.76 -0.87 -29.72
N ARG D 343 -15.43 -0.30 -28.73
CA ARG D 343 -15.14 -0.61 -27.34
C ARG D 343 -16.09 -1.63 -26.75
N LEU D 344 -15.57 -2.80 -26.36
CA LEU D 344 -16.41 -3.84 -25.76
C LEU D 344 -15.83 -4.30 -24.43
N ARG D 345 -16.69 -4.70 -23.51
CA ARG D 345 -16.24 -5.11 -22.18
C ARG D 345 -15.57 -6.47 -22.15
N SER D 346 -14.74 -6.70 -21.15
CA SER D 346 -14.01 -7.95 -21.04
C SER D 346 -14.85 -9.10 -20.51
N MET D 347 -14.45 -10.32 -20.83
CA MET D 347 -15.17 -11.49 -20.37
C MET D 347 -14.19 -12.59 -20.05
N TYR D 348 -14.12 -12.99 -18.79
CA TYR D 348 -13.18 -14.03 -18.38
C TYR D 348 -13.51 -15.37 -19.01
N GLY D 349 -12.58 -15.91 -19.78
CA GLY D 349 -12.79 -17.21 -20.42
C GLY D 349 -11.83 -18.25 -19.86
N ALA D 350 -10.98 -18.80 -20.72
CA ALA D 350 -10.02 -19.80 -20.28
C ALA D 350 -8.75 -19.13 -19.77
N HIS D 351 -8.76 -18.67 -18.52
CA HIS D 351 -7.59 -17.99 -17.90
C HIS D 351 -7.26 -16.61 -18.49
N LYS D 352 -7.86 -16.28 -19.62
CA LYS D 352 -7.61 -14.99 -20.27
C LYS D 352 -8.89 -14.20 -20.45
N TYR D 353 -8.89 -12.95 -20.03
CA TYR D 353 -10.05 -12.08 -20.23
C TYR D 353 -10.08 -11.70 -21.69
N GLN D 354 -11.26 -11.70 -22.30
CA GLN D 354 -11.33 -11.46 -23.73
C GLN D 354 -12.54 -10.70 -24.22
N ALA D 355 -12.50 -10.27 -25.47
CA ALA D 355 -13.64 -9.60 -26.07
C ALA D 355 -13.72 -10.07 -27.51
N GLU D 356 -14.88 -10.57 -27.90
CA GLU D 356 -15.05 -11.07 -29.25
C GLU D 356 -15.65 -9.99 -30.13
N PHE D 357 -15.00 -9.67 -31.23
CA PHE D 357 -15.50 -8.67 -32.14
C PHE D 357 -16.04 -9.40 -33.36
N PRO D 358 -17.35 -9.68 -33.38
CA PRO D 358 -17.91 -10.49 -34.47
C PRO D 358 -17.97 -9.76 -35.79
N MET D 359 -17.58 -10.44 -36.87
CA MET D 359 -17.56 -9.81 -38.18
C MET D 359 -18.22 -10.70 -39.21
N SER D 360 -19.40 -11.22 -38.88
CA SER D 360 -20.10 -12.10 -39.80
C SER D 360 -21.26 -11.38 -40.47
N PRO D 361 -21.74 -11.93 -41.59
CA PRO D 361 -20.85 -12.44 -42.64
C PRO D 361 -19.79 -11.42 -43.03
N VAL D 362 -18.62 -11.89 -43.44
CA VAL D 362 -17.54 -11.00 -43.81
C VAL D 362 -17.68 -10.59 -45.27
N THR D 363 -17.27 -9.37 -45.59
CA THR D 363 -17.38 -8.89 -46.97
C THR D 363 -16.03 -8.39 -47.44
N SER D 364 -15.97 -7.87 -48.66
CA SER D 364 -14.73 -7.34 -49.18
C SER D 364 -14.25 -6.14 -48.38
N ALA D 365 -15.19 -5.43 -47.74
CA ALA D 365 -14.84 -4.26 -46.95
C ALA D 365 -14.12 -4.61 -45.65
N HIS D 366 -14.41 -5.77 -45.08
CA HIS D 366 -13.82 -6.13 -43.79
C HIS D 366 -12.31 -6.35 -43.84
N ALA D 367 -11.72 -6.36 -45.01
CA ALA D 367 -10.29 -6.63 -45.13
C ALA D 367 -9.44 -5.47 -44.67
N GLY D 368 -8.33 -5.77 -44.00
CA GLY D 368 -7.42 -4.72 -43.55
C GLY D 368 -6.60 -5.06 -42.33
N THR D 369 -5.78 -4.11 -41.88
CA THR D 369 -4.94 -4.34 -40.72
C THR D 369 -5.69 -3.98 -39.45
N TYR D 370 -5.74 -4.90 -38.49
CA TYR D 370 -6.46 -4.65 -37.25
C TYR D 370 -5.56 -4.72 -36.03
N ARG D 371 -5.76 -3.81 -35.08
CA ARG D 371 -5.00 -3.85 -33.84
C ARG D 371 -5.95 -3.66 -32.69
N CYS D 372 -5.69 -4.30 -31.57
CA CYS D 372 -6.56 -4.17 -30.42
C CYS D 372 -5.84 -3.57 -29.22
N TYR D 373 -6.58 -2.85 -28.39
CA TYR D 373 -6.00 -2.22 -27.21
C TYR D 373 -6.78 -2.65 -25.99
N GLY D 374 -6.36 -2.23 -24.83
CA GLY D 374 -7.06 -2.56 -23.62
C GLY D 374 -6.93 -1.43 -22.63
N SER D 375 -7.98 -1.18 -21.87
CA SER D 375 -7.95 -0.11 -20.89
C SER D 375 -8.68 -0.44 -19.60
N TYR D 376 -8.46 0.38 -18.58
CA TYR D 376 -9.13 0.19 -17.31
C TYR D 376 -10.15 1.31 -17.13
N SER D 377 -11.15 1.09 -16.27
CA SER D 377 -12.19 2.09 -16.05
C SER D 377 -11.71 3.22 -15.14
N SER D 378 -10.53 3.06 -14.56
CA SER D 378 -9.97 4.13 -13.76
C SER D 378 -9.77 5.30 -14.69
N ASN D 379 -9.07 5.09 -15.80
CA ASN D 379 -8.95 6.14 -16.81
C ASN D 379 -9.24 5.46 -18.13
N PRO D 380 -10.46 5.65 -18.64
CA PRO D 380 -10.86 4.98 -19.88
C PRO D 380 -10.19 5.53 -21.15
N HIS D 381 -9.30 6.50 -21.01
CA HIS D 381 -8.65 7.11 -22.16
C HIS D 381 -7.19 6.74 -22.25
N LEU D 382 -6.65 6.16 -21.19
CA LEU D 382 -5.26 5.70 -21.21
C LEU D 382 -5.28 4.24 -21.63
N LEU D 383 -4.88 3.97 -22.87
CA LEU D 383 -4.92 2.60 -23.38
C LEU D 383 -3.56 1.94 -23.31
N SER D 384 -3.50 0.68 -23.72
CA SER D 384 -2.24 -0.05 -23.72
C SER D 384 -1.51 0.14 -25.02
N PHE D 385 -0.39 -0.54 -25.17
CA PHE D 385 0.32 -0.51 -26.43
C PHE D 385 -0.46 -1.37 -27.40
N PRO D 386 -0.38 -1.07 -28.69
CA PRO D 386 -1.20 -1.83 -29.65
C PRO D 386 -0.80 -3.29 -29.73
N SER D 387 -1.74 -4.15 -30.10
CA SER D 387 -1.42 -5.54 -30.30
C SER D 387 -0.68 -5.68 -31.61
N GLU D 388 -0.07 -6.85 -31.84
CA GLU D 388 0.58 -7.08 -33.12
C GLU D 388 -0.46 -7.06 -34.22
N PRO D 389 -0.20 -6.30 -35.32
CA PRO D 389 -1.28 -6.21 -36.34
C PRO D 389 -1.81 -7.53 -36.87
N LEU D 390 -3.08 -7.56 -37.24
CA LEU D 390 -3.66 -8.75 -37.85
C LEU D 390 -4.25 -8.37 -39.17
N GLU D 391 -3.73 -8.93 -40.26
CA GLU D 391 -4.21 -8.59 -41.58
C GLU D 391 -5.28 -9.56 -42.07
N LEU D 392 -6.54 -9.21 -41.87
CA LEU D 392 -7.63 -10.05 -42.34
C LEU D 392 -7.67 -10.00 -43.86
N MET D 393 -7.68 -11.17 -44.49
CA MET D 393 -7.72 -11.24 -45.95
C MET D 393 -8.94 -12.01 -46.41
N VAL D 394 -9.90 -11.30 -46.99
CA VAL D 394 -11.11 -11.96 -47.50
C VAL D 394 -10.99 -12.26 -48.98
N SER D 395 -11.66 -13.31 -49.44
CA SER D 395 -11.58 -13.68 -50.85
C SER D 395 -12.96 -13.93 -51.45
N GLY D 396 -13.22 -13.35 -52.62
CA GLY D 396 -14.49 -13.53 -53.28
C GLY D 396 -14.76 -14.97 -53.68
#